data_2BWE
#
_entry.id   2BWE
#
_cell.length_a   78.361
_cell.length_b   88.854
_cell.length_c   141.497
_cell.angle_alpha   90.00
_cell.angle_beta   106.09
_cell.angle_gamma   90.00
#
_symmetry.space_group_name_H-M   'P 1 21 1'
#
loop_
_entity.id
_entity.type
_entity.pdbx_description
1 polymer DSK2
2 polymer DSK2
3 water water
#
loop_
_entity_poly.entity_id
_entity_poly.type
_entity_poly.pdbx_seq_one_letter_code
_entity_poly.pdbx_strand_id
1 'polypeptide(L)' GILDPEERYEHQLRQLNDMGFFDFDRNVAALRRSGGSVQGALDSLLNGDV A,B,C,D,E,F,G,H,I,J,K,L,M,N,O,P,Q,R
2 'polypeptide(L)' LDMSLNIHIKSGQDKWEVNVAPESTVLQFKEAINKANGIPVANQRLIYSGKILKDDQTVESYHIQDGHSVHLVKSQP S,T,U
#
# COMPACT_ATOMS: atom_id res chain seq x y z
N LEU A 3 47.63 8.77 -50.12
CA LEU A 3 46.34 8.34 -49.58
C LEU A 3 46.02 6.83 -49.59
N ASP A 4 46.49 6.04 -50.57
CA ASP A 4 47.82 5.40 -50.75
C ASP A 4 48.84 5.17 -49.61
N PRO A 5 48.96 3.91 -49.10
CA PRO A 5 49.59 3.68 -47.78
C PRO A 5 51.02 4.22 -47.67
N GLU A 6 51.84 3.98 -48.71
CA GLU A 6 53.24 4.43 -48.77
C GLU A 6 53.38 5.92 -48.65
N GLU A 7 52.46 6.61 -49.30
CA GLU A 7 52.38 8.07 -49.25
C GLU A 7 51.80 8.54 -47.90
N ARG A 8 50.74 7.88 -47.45
CA ARG A 8 50.05 8.31 -46.26
C ARG A 8 50.86 8.12 -45.01
N TYR A 9 51.50 6.97 -44.86
CA TYR A 9 52.31 6.69 -43.67
C TYR A 9 53.82 6.85 -43.89
N GLU A 10 54.23 7.71 -44.85
CA GLU A 10 55.66 7.85 -45.18
C GLU A 10 56.52 8.12 -43.94
N HIS A 11 56.30 9.25 -43.29
CA HIS A 11 57.05 9.61 -42.11
C HIS A 11 57.14 8.42 -41.10
N GLN A 12 56.04 7.71 -40.88
CA GLN A 12 55.99 6.62 -39.90
C GLN A 12 56.72 5.38 -40.40
N LEU A 13 56.42 4.97 -41.64
CA LEU A 13 57.12 3.84 -42.26
C LEU A 13 58.63 4.03 -42.12
N ARG A 14 59.08 5.28 -42.32
CA ARG A 14 60.49 5.55 -42.21
C ARG A 14 61.00 5.22 -40.82
N GLN A 15 60.35 5.76 -39.81
CA GLN A 15 60.77 5.50 -38.43
C GLN A 15 60.82 4.02 -38.08
N LEU A 16 59.79 3.28 -38.48
CA LEU A 16 59.73 1.85 -38.23
C LEU A 16 60.88 1.12 -38.91
N ASN A 17 61.10 1.43 -40.19
CA ASN A 17 62.21 0.86 -40.93
C ASN A 17 63.55 1.21 -40.31
N ASP A 18 63.71 2.44 -39.83
CA ASP A 18 64.92 2.82 -39.10
C ASP A 18 65.15 1.93 -37.90
N MET A 19 64.05 1.49 -37.29
CA MET A 19 64.12 0.67 -36.07
C MET A 19 64.20 -0.80 -36.40
N GLY A 20 64.42 -1.12 -37.66
CA GLY A 20 64.57 -2.51 -38.05
C GLY A 20 63.30 -3.23 -38.42
N PHE A 21 62.16 -2.56 -38.35
CA PHE A 21 60.90 -3.19 -38.75
C PHE A 21 60.64 -3.08 -40.24
N PHE A 22 61.19 -4.05 -40.96
CA PHE A 22 61.20 -4.02 -42.44
C PHE A 22 59.97 -4.58 -43.15
N ASP A 23 59.04 -5.17 -42.41
CA ASP A 23 57.92 -5.80 -43.09
C ASP A 23 56.82 -4.81 -43.34
N PHE A 24 56.59 -4.50 -44.62
CA PHE A 24 55.67 -3.43 -45.03
C PHE A 24 54.25 -3.77 -44.61
N ASP A 25 53.76 -4.89 -45.12
CA ASP A 25 52.42 -5.32 -44.76
C ASP A 25 52.15 -5.27 -43.29
N ARG A 26 53.02 -5.86 -42.48
CA ARG A 26 52.92 -5.76 -41.03
C ARG A 26 52.89 -4.31 -40.55
N ASN A 27 53.76 -3.47 -41.10
CA ASN A 27 53.85 -2.12 -40.63
C ASN A 27 52.56 -1.39 -40.90
N VAL A 28 52.02 -1.54 -42.12
CA VAL A 28 50.80 -0.81 -42.51
C VAL A 28 49.65 -1.28 -41.64
N ALA A 29 49.55 -2.61 -41.49
CA ALA A 29 48.57 -3.24 -40.61
C ALA A 29 48.65 -2.62 -39.24
N ALA A 30 49.85 -2.54 -38.70
CA ALA A 30 50.06 -2.03 -37.37
C ALA A 30 49.64 -0.58 -37.27
N LEU A 31 49.96 0.16 -38.31
CA LEU A 31 49.77 1.59 -38.30
C LEU A 31 48.31 2.00 -38.47
N ARG A 32 47.58 1.23 -39.26
CA ARG A 32 46.18 1.49 -39.50
C ARG A 32 45.47 1.35 -38.18
N ARG A 33 45.95 0.39 -37.40
CA ARG A 33 45.33 0.00 -36.15
C ARG A 33 45.60 1.03 -35.10
N SER A 34 46.73 1.69 -35.22
CA SER A 34 47.09 2.65 -34.22
C SER A 34 46.69 4.05 -34.68
N GLY A 35 45.97 4.11 -35.80
CA GLY A 35 45.62 5.40 -36.43
C GLY A 35 46.79 6.25 -36.90
N GLY A 36 47.90 5.61 -37.26
CA GLY A 36 49.07 6.35 -37.66
C GLY A 36 50.10 6.57 -36.57
N SER A 37 49.82 6.21 -35.33
CA SER A 37 50.77 6.44 -34.19
C SER A 37 51.97 5.50 -34.21
N VAL A 38 53.17 6.06 -34.39
CA VAL A 38 54.37 5.21 -34.39
C VAL A 38 54.46 4.49 -33.05
N GLN A 39 54.40 5.29 -32.00
CA GLN A 39 54.38 4.77 -30.65
C GLN A 39 53.52 3.51 -30.51
N GLY A 40 52.26 3.61 -30.93
CA GLY A 40 51.33 2.51 -30.85
C GLY A 40 51.67 1.32 -31.73
N ALA A 41 52.03 1.58 -33.00
CA ALA A 41 52.34 0.49 -33.93
C ALA A 41 53.58 -0.30 -33.48
N LEU A 42 54.56 0.41 -32.91
CA LEU A 42 55.68 -0.22 -32.30
C LEU A 42 55.25 -1.28 -31.31
N ASP A 43 54.40 -0.87 -30.37
CA ASP A 43 53.98 -1.74 -29.32
C ASP A 43 53.26 -2.95 -29.88
N SER A 44 52.32 -2.70 -30.81
CA SER A 44 51.70 -3.74 -31.62
C SER A 44 52.69 -4.71 -32.30
N LEU A 45 53.73 -4.17 -32.92
CA LEU A 45 54.66 -5.00 -33.68
C LEU A 45 55.45 -5.90 -32.76
N LEU A 46 55.70 -5.39 -31.57
CA LEU A 46 56.42 -6.13 -30.57
C LEU A 46 55.61 -7.20 -29.85
N ASN A 47 54.32 -7.37 -30.14
CA ASN A 47 53.60 -8.61 -29.73
C ASN A 47 52.62 -9.29 -30.69
N GLY A 48 52.25 -8.72 -31.82
CA GLY A 48 51.18 -9.35 -32.64
C GLY A 48 49.74 -8.89 -32.45
N GLY B 1 31.73 -2.57 -49.09
CA GLY B 1 32.99 -2.15 -48.40
C GLY B 1 32.71 -1.47 -47.07
N ILE B 2 31.65 -0.65 -47.05
CA ILE B 2 31.22 0.12 -45.85
C ILE B 2 31.02 -0.74 -44.56
N LEU B 3 31.83 -0.56 -43.51
CA LEU B 3 33.15 0.11 -43.50
C LEU B 3 34.20 -0.89 -42.98
N ASP B 4 34.82 -0.64 -41.81
CA ASP B 4 36.08 -1.29 -41.42
C ASP B 4 36.74 -0.55 -40.25
N PRO B 5 36.94 -1.21 -39.10
CA PRO B 5 37.13 -0.47 -37.85
C PRO B 5 38.29 0.53 -37.86
N GLU B 6 39.44 0.14 -38.40
CA GLU B 6 40.61 1.00 -38.49
C GLU B 6 40.30 2.28 -39.26
N GLU B 7 39.50 2.12 -40.31
CA GLU B 7 39.15 3.25 -41.15
C GLU B 7 38.11 4.06 -40.44
N ARG B 8 37.15 3.36 -39.82
CA ARG B 8 36.00 4.02 -39.22
C ARG B 8 36.39 4.84 -38.00
N TYR B 9 37.19 4.26 -37.12
CA TYR B 9 37.59 4.94 -35.87
C TYR B 9 39.01 5.53 -35.92
N GLU B 10 39.47 5.87 -37.14
CA GLU B 10 40.83 6.38 -37.34
C GLU B 10 41.14 7.50 -36.35
N HIS B 11 40.39 8.60 -36.42
CA HIS B 11 40.65 9.76 -35.60
C HIS B 11 40.65 9.43 -34.10
N GLN B 12 39.75 8.53 -33.71
CA GLN B 12 39.67 8.16 -32.29
C GLN B 12 40.81 7.22 -31.88
N LEU B 13 41.01 6.16 -32.67
CA LEU B 13 42.15 5.27 -32.45
C LEU B 13 43.45 6.07 -32.30
N ARG B 14 43.59 7.12 -33.09
CA ARG B 14 44.79 7.89 -32.95
C ARG B 14 44.88 8.57 -31.60
N GLN B 15 43.81 9.21 -31.17
CA GLN B 15 43.86 9.88 -29.86
C GLN B 15 44.13 8.91 -28.73
N LEU B 16 43.44 7.77 -28.76
CA LEU B 16 43.68 6.75 -27.75
C LEU B 16 45.16 6.31 -27.70
N ASN B 17 45.70 5.99 -28.88
CA ASN B 17 47.08 5.57 -29.00
C ASN B 17 47.99 6.70 -28.57
N ASP B 18 47.59 7.93 -28.88
CA ASP B 18 48.36 9.08 -28.44
C ASP B 18 48.42 9.15 -26.88
N MET B 19 47.40 8.61 -26.19
CA MET B 19 47.33 8.65 -24.74
C MET B 19 47.89 7.39 -24.11
N GLY B 20 48.49 6.53 -24.90
CA GLY B 20 49.09 5.32 -24.36
C GLY B 20 48.21 4.08 -24.43
N PHE B 21 47.00 4.21 -24.97
CA PHE B 21 46.13 3.07 -25.08
C PHE B 21 46.37 2.29 -26.37
N PHE B 22 47.39 1.42 -26.33
CA PHE B 22 47.84 0.70 -27.52
C PHE B 22 47.03 -0.53 -27.94
N ASP B 23 46.08 -0.99 -27.11
CA ASP B 23 45.44 -2.27 -27.41
C ASP B 23 44.25 -2.08 -28.35
N PHE B 24 44.41 -2.53 -29.58
CA PHE B 24 43.46 -2.25 -30.65
C PHE B 24 42.12 -2.85 -30.30
N ASP B 25 42.09 -4.17 -30.09
CA ASP B 25 40.87 -4.90 -29.78
C ASP B 25 40.11 -4.31 -28.65
N ARG B 26 40.80 -3.99 -27.55
CA ARG B 26 40.20 -3.18 -26.45
C ARG B 26 39.65 -1.83 -26.89
N ASN B 27 40.43 -1.06 -27.64
CA ASN B 27 39.99 0.25 -28.09
C ASN B 27 38.76 0.17 -28.96
N VAL B 28 38.76 -0.74 -29.93
CA VAL B 28 37.62 -0.84 -30.82
C VAL B 28 36.43 -1.22 -29.98
N ALA B 29 36.62 -2.21 -29.08
CA ALA B 29 35.55 -2.68 -28.19
C ALA B 29 34.96 -1.51 -27.43
N ALA B 30 35.83 -0.73 -26.82
CA ALA B 30 35.42 0.43 -26.05
C ALA B 30 34.68 1.47 -26.90
N LEU B 31 35.20 1.69 -28.11
CA LEU B 31 34.66 2.72 -28.96
C LEU B 31 33.29 2.35 -29.54
N ARG B 32 33.07 1.08 -29.81
CA ARG B 32 31.81 0.64 -30.38
C ARG B 32 30.71 0.88 -29.34
N ARG B 33 31.08 0.66 -28.08
CA ARG B 33 30.18 0.79 -26.96
C ARG B 33 29.87 2.23 -26.67
N SER B 34 30.82 3.12 -26.96
CA SER B 34 30.59 4.55 -26.71
C SER B 34 30.12 5.27 -27.93
N GLY B 35 29.80 4.49 -28.96
CA GLY B 35 29.37 5.02 -30.24
C GLY B 35 30.40 5.90 -30.93
N GLY B 36 31.66 5.65 -30.69
CA GLY B 36 32.63 6.46 -31.31
C GLY B 36 33.16 7.56 -30.43
N SER B 37 32.53 7.81 -29.27
CA SER B 37 33.02 8.85 -28.35
C SER B 37 34.36 8.56 -27.69
N VAL B 38 35.40 9.35 -27.98
CA VAL B 38 36.70 9.14 -27.33
C VAL B 38 36.53 9.30 -25.84
N GLN B 39 35.94 10.43 -25.47
CA GLN B 39 35.67 10.74 -24.07
C GLN B 39 35.09 9.51 -23.30
N GLY B 40 34.08 8.86 -23.89
CA GLY B 40 33.43 7.67 -23.33
C GLY B 40 34.29 6.43 -23.31
N ALA B 41 34.92 6.11 -24.42
CA ALA B 41 35.78 4.92 -24.48
C ALA B 41 36.94 5.03 -23.45
N LEU B 42 37.51 6.21 -23.32
CA LEU B 42 38.50 6.47 -22.30
C LEU B 42 38.00 5.97 -20.96
N ASP B 43 36.82 6.42 -20.58
CA ASP B 43 36.32 6.10 -19.27
C ASP B 43 36.22 4.59 -19.12
N SER B 44 35.67 3.95 -20.15
CA SER B 44 35.57 2.49 -20.24
C SER B 44 36.90 1.82 -20.08
N LEU B 45 37.92 2.36 -20.73
CA LEU B 45 39.23 1.75 -20.74
C LEU B 45 39.86 1.84 -19.38
N LEU B 46 39.56 2.90 -18.65
CA LEU B 46 40.11 3.07 -17.32
C LEU B 46 39.42 2.25 -16.24
N ASN B 47 38.35 1.49 -16.55
CA ASN B 47 37.80 0.47 -15.59
C ASN B 47 37.49 -0.94 -16.10
N GLY B 48 37.77 -1.27 -17.35
CA GLY B 48 37.51 -2.63 -17.84
C GLY B 48 36.01 -2.90 -18.02
N LEU C 3 21.62 -5.48 -35.68
CA LEU C 3 21.49 -6.88 -35.17
C LEU C 3 22.44 -7.12 -34.00
N ASP C 4 22.53 -6.15 -33.08
CA ASP C 4 23.70 -6.07 -32.18
C ASP C 4 23.79 -4.68 -31.56
N PRO C 5 23.77 -4.58 -30.21
CA PRO C 5 23.35 -3.33 -29.59
C PRO C 5 24.20 -2.13 -29.99
N GLU C 6 25.50 -2.34 -30.11
CA GLU C 6 26.43 -1.25 -30.36
C GLU C 6 26.16 -0.70 -31.73
N GLU C 7 25.78 -1.60 -32.64
CA GLU C 7 25.52 -1.19 -34.00
C GLU C 7 24.15 -0.63 -34.07
N ARG C 8 23.20 -1.23 -33.35
CA ARG C 8 21.80 -0.79 -33.40
C ARG C 8 21.55 0.59 -32.81
N TYR C 9 22.14 0.86 -31.66
CA TYR C 9 21.94 2.13 -30.97
C TYR C 9 23.12 3.09 -31.12
N GLU C 10 23.92 2.90 -32.19
CA GLU C 10 25.13 3.70 -32.40
C GLU C 10 24.90 5.21 -32.23
N HIS C 11 24.03 5.79 -33.05
CA HIS C 11 23.70 7.19 -32.98
C HIS C 11 23.29 7.62 -31.56
N GLN C 12 22.54 6.78 -30.84
CA GLN C 12 22.02 7.14 -29.50
C GLN C 12 23.08 6.99 -28.42
N LEU C 13 23.77 5.85 -28.42
CA LEU C 13 24.94 5.66 -27.55
C LEU C 13 25.90 6.86 -27.65
N ARG C 14 26.15 7.35 -28.86
CA ARG C 14 27.01 8.46 -29.00
C ARG C 14 26.52 9.65 -28.22
N GLN C 15 25.25 10.02 -28.40
CA GLN C 15 24.71 11.18 -27.73
C GLN C 15 24.76 11.04 -26.22
N LEU C 16 24.46 9.83 -25.73
CA LEU C 16 24.47 9.61 -24.31
C LEU C 16 25.87 9.79 -23.80
N ASN C 17 26.82 9.14 -24.48
CA ASN C 17 28.22 9.27 -24.14
C ASN C 17 28.70 10.71 -24.26
N ASP C 18 28.22 11.42 -25.28
CA ASP C 18 28.53 12.84 -25.40
C ASP C 18 27.95 13.68 -24.24
N MET C 19 27.03 13.10 -23.46
CA MET C 19 26.43 13.83 -22.36
C MET C 19 26.98 13.35 -21.04
N GLY C 20 27.98 12.48 -21.10
CA GLY C 20 28.63 11.97 -19.89
C GLY C 20 28.08 10.67 -19.33
N PHE C 21 27.11 10.07 -20.02
CA PHE C 21 26.57 8.80 -19.61
C PHE C 21 27.36 7.69 -20.24
N PHE C 22 28.44 7.30 -19.57
CA PHE C 22 29.39 6.33 -20.05
C PHE C 22 29.05 4.87 -19.81
N ASP C 23 28.01 4.55 -19.05
CA ASP C 23 27.83 3.14 -18.68
C ASP C 23 27.02 2.45 -19.74
N PHE C 24 27.69 1.55 -20.47
CA PHE C 24 27.08 0.88 -21.64
C PHE C 24 25.86 0.08 -21.27
N ASP C 25 26.03 -0.85 -20.35
CA ASP C 25 24.94 -1.67 -19.89
C ASP C 25 23.71 -0.89 -19.48
N ARG C 26 23.91 0.16 -18.68
CA ARG C 26 22.82 1.04 -18.31
C ARG C 26 22.22 1.70 -19.52
N ASN C 27 23.03 2.25 -20.41
CA ASN C 27 22.50 2.93 -21.59
C ASN C 27 21.66 2.00 -22.47
N VAL C 28 22.16 0.81 -22.75
CA VAL C 28 21.44 -0.11 -23.62
C VAL C 28 20.13 -0.44 -22.95
N ALA C 29 20.18 -0.77 -21.65
CA ALA C 29 18.97 -1.02 -20.86
C ALA C 29 17.94 0.12 -20.98
N ALA C 30 18.37 1.35 -20.74
CA ALA C 30 17.53 2.50 -20.81
C ALA C 30 16.96 2.68 -22.20
N LEU C 31 17.77 2.40 -23.22
CA LEU C 31 17.38 2.62 -24.60
C LEU C 31 16.38 1.58 -25.09
N ARG C 32 16.56 0.33 -24.68
CA ARG C 32 15.66 -0.71 -25.08
C ARG C 32 14.28 -0.38 -24.60
N ARG C 33 14.22 0.14 -23.37
CA ARG C 33 13.00 0.52 -22.69
C ARG C 33 12.34 1.70 -23.33
N SER C 34 13.12 2.59 -23.92
CA SER C 34 12.54 3.78 -24.53
C SER C 34 12.36 3.58 -26.00
N GLY C 35 12.63 2.37 -26.46
CA GLY C 35 12.49 2.01 -27.88
C GLY C 35 13.47 2.75 -28.77
N GLY C 36 14.61 3.14 -28.22
CA GLY C 36 15.59 3.85 -28.98
C GLY C 36 15.55 5.36 -28.81
N SER C 37 14.54 5.91 -28.13
CA SER C 37 14.48 7.38 -27.89
C SER C 37 15.51 7.90 -26.93
N VAL C 38 16.40 8.76 -27.40
CA VAL C 38 17.45 9.28 -26.52
C VAL C 38 16.74 10.04 -25.41
N GLN C 39 15.82 10.90 -25.83
CA GLN C 39 15.10 11.76 -24.93
C GLN C 39 14.55 10.93 -23.74
N GLY C 40 14.00 9.77 -24.04
CA GLY C 40 13.39 8.90 -23.06
C GLY C 40 14.40 8.20 -22.20
N ALA C 41 15.47 7.70 -22.79
CA ALA C 41 16.47 6.99 -22.04
C ALA C 41 17.16 7.94 -21.08
N LEU C 42 17.44 9.14 -21.52
CA LEU C 42 17.95 10.17 -20.65
C LEU C 42 17.14 10.32 -19.32
N ASP C 43 15.85 10.54 -19.47
CA ASP C 43 15.00 10.59 -18.35
C ASP C 43 15.09 9.35 -17.45
N SER C 44 14.92 8.16 -17.99
CA SER C 44 15.25 6.95 -17.27
C SER C 44 16.59 6.95 -16.54
N LEU C 45 17.66 7.35 -17.22
CA LEU C 45 18.98 7.34 -16.60
C LEU C 45 19.08 8.32 -15.46
N LEU C 46 18.34 9.42 -15.53
CA LEU C 46 18.37 10.38 -14.48
C LEU C 46 17.52 10.03 -13.25
N ASN C 47 16.77 8.93 -13.27
CA ASN C 47 16.12 8.43 -12.03
C ASN C 47 16.39 7.00 -11.67
N GLY C 48 17.40 6.41 -12.27
CA GLY C 48 17.69 5.06 -11.94
C GLY C 48 16.34 4.41 -11.96
N ASP C 49 15.57 4.70 -13.02
CA ASP C 49 14.45 3.84 -13.34
C ASP C 49 15.03 2.78 -14.23
N VAL C 50 16.37 2.80 -14.21
CA VAL C 50 17.29 1.96 -14.97
C VAL C 50 18.69 2.13 -14.32
N ILE D 2 11.29 -14.08 -27.22
CA ILE D 2 10.85 -13.36 -28.47
C ILE D 2 9.88 -12.11 -28.34
N LEU D 3 8.80 -12.13 -27.54
CA LEU D 3 8.64 -12.77 -26.22
C LEU D 3 9.58 -12.00 -25.27
N ASP D 4 9.45 -10.68 -25.30
CA ASP D 4 10.23 -9.79 -24.47
C ASP D 4 9.79 -8.32 -24.67
N PRO D 5 9.28 -7.64 -23.64
CA PRO D 5 8.42 -6.48 -23.88
C PRO D 5 9.10 -5.39 -24.70
N GLU D 6 10.37 -5.12 -24.42
CA GLU D 6 11.10 -4.06 -25.13
C GLU D 6 11.20 -4.36 -26.62
N GLU D 7 11.36 -5.63 -26.93
CA GLU D 7 11.46 -6.06 -28.30
C GLU D 7 10.10 -6.07 -28.93
N ARG D 8 9.14 -6.64 -28.22
CA ARG D 8 7.78 -6.77 -28.72
C ARG D 8 7.09 -5.41 -29.00
N TYR D 9 7.17 -4.48 -28.08
CA TYR D 9 6.51 -3.20 -28.26
C TYR D 9 7.44 -2.07 -28.68
N GLU D 10 8.55 -2.42 -29.35
CA GLU D 10 9.58 -1.45 -29.73
C GLU D 10 8.98 -0.23 -30.41
N HIS D 11 8.37 -0.42 -31.57
CA HIS D 11 7.79 0.67 -32.32
C HIS D 11 6.80 1.52 -31.51
N GLN D 12 6.00 0.87 -30.65
CA GLN D 12 5.05 1.62 -29.84
C GLN D 12 5.76 2.36 -28.68
N LEU D 13 6.66 1.65 -28.01
CA LEU D 13 7.41 2.28 -26.93
C LEU D 13 8.06 3.56 -27.45
N ARG D 14 8.52 3.52 -28.70
CA ARG D 14 9.20 4.66 -29.22
C ARG D 14 8.28 5.81 -29.38
N GLN D 15 7.10 5.55 -29.94
CA GLN D 15 6.11 6.61 -30.13
C GLN D 15 5.65 7.23 -28.84
N LEU D 16 5.47 6.41 -27.81
CA LEU D 16 5.06 6.89 -26.50
C LEU D 16 6.13 7.79 -25.92
N ASN D 17 7.37 7.28 -25.93
CA ASN D 17 8.52 8.06 -25.52
C ASN D 17 8.69 9.34 -26.32
N ASP D 18 8.43 9.30 -27.63
CA ASP D 18 8.47 10.49 -28.48
C ASP D 18 7.42 11.55 -28.10
N MET D 19 6.40 11.11 -27.36
CA MET D 19 5.30 11.95 -26.89
C MET D 19 5.48 12.37 -25.43
N GLY D 20 6.57 11.92 -24.80
CA GLY D 20 6.87 12.34 -23.45
C GLY D 20 6.48 11.34 -22.39
N PHE D 21 6.01 10.18 -22.85
CA PHE D 21 5.62 9.15 -21.93
C PHE D 21 6.77 8.24 -21.62
N PHE D 22 7.65 8.67 -20.71
CA PHE D 22 8.87 7.99 -20.39
C PHE D 22 8.77 6.81 -19.41
N ASP D 23 7.63 6.56 -18.77
CA ASP D 23 7.58 5.50 -17.75
C ASP D 23 7.35 4.13 -18.36
N PHE D 24 8.40 3.30 -18.36
CA PHE D 24 8.40 2.02 -19.04
C PHE D 24 7.28 1.12 -18.54
N ASP D 25 7.30 0.84 -17.24
CA ASP D 25 6.34 -0.05 -16.64
C ASP D 25 4.94 0.40 -16.94
N ARG D 26 4.66 1.69 -16.77
CA ARG D 26 3.35 2.23 -17.17
C ARG D 26 3.01 1.95 -18.63
N ASN D 27 3.93 2.25 -19.55
CA ASN D 27 3.70 2.07 -20.97
C ASN D 27 3.44 0.62 -21.30
N VAL D 28 4.28 -0.29 -20.82
CA VAL D 28 4.04 -1.71 -21.10
C VAL D 28 2.66 -2.11 -20.60
N ALA D 29 2.36 -1.74 -19.34
CA ALA D 29 1.05 -1.99 -18.73
C ALA D 29 -0.07 -1.51 -19.66
N ALA D 30 0.02 -0.25 -20.09
CA ALA D 30 -0.97 0.35 -20.92
C ALA D 30 -1.08 -0.36 -22.26
N LEU D 31 0.06 -0.72 -22.83
CA LEU D 31 0.11 -1.38 -24.13
C LEU D 31 -0.42 -2.81 -24.11
N ARG D 32 -0.14 -3.53 -23.05
CA ARG D 32 -0.66 -4.89 -22.90
C ARG D 32 -2.17 -4.86 -22.92
N ARG D 33 -2.71 -3.87 -22.24
CA ARG D 33 -4.16 -3.71 -22.13
C ARG D 33 -4.82 -3.30 -23.43
N SER D 34 -4.12 -2.52 -24.23
CA SER D 34 -4.66 -2.08 -25.50
C SER D 34 -4.25 -3.01 -26.63
N GLY D 35 -3.60 -4.11 -26.27
CA GLY D 35 -3.17 -5.14 -27.22
C GLY D 35 -2.08 -4.69 -28.17
N GLY D 36 -1.31 -3.70 -27.77
CA GLY D 36 -0.37 -3.11 -28.68
C GLY D 36 -0.77 -1.79 -29.29
N SER D 37 -2.03 -1.38 -29.23
CA SER D 37 -2.48 -0.11 -29.85
C SER D 37 -1.95 1.16 -29.18
N VAL D 38 -1.14 1.94 -29.90
CA VAL D 38 -0.61 3.18 -29.30
C VAL D 38 -1.79 4.04 -28.94
N GLN D 39 -2.72 4.15 -29.89
CA GLN D 39 -3.88 5.01 -29.76
C GLN D 39 -4.60 4.74 -28.44
N GLY D 40 -4.78 3.45 -28.14
CA GLY D 40 -5.43 3.03 -26.90
C GLY D 40 -4.58 3.24 -25.66
N ALA D 41 -3.32 2.85 -25.70
CA ALA D 41 -2.44 3.04 -24.56
C ALA D 41 -2.34 4.52 -24.16
N LEU D 42 -2.27 5.39 -25.16
CA LEU D 42 -2.29 6.83 -24.94
C LEU D 42 -3.45 7.25 -24.05
N ASP D 43 -4.63 6.80 -24.44
CA ASP D 43 -5.86 7.14 -23.77
C ASP D 43 -5.78 6.63 -22.33
N SER D 44 -5.36 5.38 -22.18
CA SER D 44 -5.06 4.80 -20.85
C SER D 44 -4.13 5.61 -20.00
N LEU D 45 -3.04 6.07 -20.60
CA LEU D 45 -2.01 6.79 -19.87
C LEU D 45 -2.49 8.14 -19.47
N LEU D 46 -3.42 8.69 -20.23
CA LEU D 46 -3.95 10.00 -19.89
C LEU D 46 -5.05 10.01 -18.81
N ASN D 47 -5.51 8.84 -18.33
CA ASN D 47 -6.36 8.82 -17.11
C ASN D 47 -5.96 7.81 -16.03
N GLY D 48 -4.87 7.05 -16.28
CA GLY D 48 -4.62 5.81 -15.53
C GLY D 48 -5.41 4.58 -16.05
N LEU E 3 -3.93 -18.10 -22.32
CA LEU E 3 -4.70 -18.47 -21.09
C LEU E 3 -4.73 -17.25 -20.17
N ASP E 4 -5.18 -16.13 -20.72
CA ASP E 4 -5.09 -14.84 -20.07
C ASP E 4 -5.52 -13.79 -21.09
N PRO E 5 -6.57 -13.01 -20.80
CA PRO E 5 -7.31 -12.33 -21.85
C PRO E 5 -6.46 -11.43 -22.72
N GLU E 6 -5.56 -10.65 -22.12
CA GLU E 6 -4.69 -9.70 -22.83
C GLU E 6 -3.82 -10.43 -23.82
N GLU E 7 -3.35 -11.60 -23.43
CA GLU E 7 -2.51 -12.43 -24.28
C GLU E 7 -3.34 -13.13 -25.33
N ARG E 8 -4.49 -13.64 -24.92
CA ARG E 8 -5.35 -14.39 -25.81
C ARG E 8 -5.96 -13.55 -26.92
N TYR E 9 -6.47 -12.36 -26.57
CA TYR E 9 -7.14 -11.49 -27.55
C TYR E 9 -6.27 -10.34 -28.05
N GLU E 10 -4.95 -10.52 -27.99
CA GLU E 10 -4.03 -9.44 -28.31
C GLU E 10 -4.32 -8.81 -29.66
N HIS E 11 -4.27 -9.60 -30.72
CA HIS E 11 -4.47 -9.02 -32.05
C HIS E 11 -5.83 -8.33 -32.17
N GLN E 12 -6.87 -8.87 -31.51
CA GLN E 12 -8.24 -8.28 -31.54
C GLN E 12 -8.35 -7.02 -30.72
N LEU E 13 -7.88 -7.09 -29.48
CA LEU E 13 -7.82 -5.93 -28.63
C LEU E 13 -7.19 -4.77 -29.36
N ARG E 14 -6.12 -5.05 -30.10
CA ARG E 14 -5.41 -4.00 -30.81
C ARG E 14 -6.30 -3.28 -31.80
N GLN E 15 -6.96 -4.08 -32.65
CA GLN E 15 -7.91 -3.58 -33.65
C GLN E 15 -9.02 -2.73 -33.04
N LEU E 16 -9.64 -3.26 -31.98
CA LEU E 16 -10.70 -2.52 -31.27
C LEU E 16 -10.20 -1.19 -30.76
N ASN E 17 -9.05 -1.22 -30.09
CA ASN E 17 -8.41 -0.01 -29.63
C ASN E 17 -8.06 1.00 -30.74
N ASP E 18 -7.57 0.56 -31.88
CA ASP E 18 -7.28 1.53 -32.96
C ASP E 18 -8.59 2.13 -33.48
N MET E 19 -9.68 1.38 -33.29
CA MET E 19 -10.99 1.88 -33.71
C MET E 19 -11.65 2.73 -32.65
N GLY E 20 -10.92 3.00 -31.58
CA GLY E 20 -11.41 3.92 -30.56
C GLY E 20 -12.15 3.27 -29.41
N PHE E 21 -12.23 1.93 -29.42
CA PHE E 21 -12.88 1.17 -28.35
C PHE E 21 -11.91 0.87 -27.22
N PHE E 22 -11.74 1.84 -26.34
CA PHE E 22 -10.73 1.78 -25.28
C PHE E 22 -11.09 0.98 -24.03
N ASP E 23 -12.35 0.61 -23.84
CA ASP E 23 -12.74 0.00 -22.58
C ASP E 23 -12.44 -1.49 -22.58
N PHE E 24 -11.45 -1.87 -21.79
CA PHE E 24 -10.95 -3.25 -21.77
C PHE E 24 -11.98 -4.30 -21.38
N ASP E 25 -12.61 -4.08 -20.24
CA ASP E 25 -13.64 -4.97 -19.79
C ASP E 25 -14.76 -5.16 -20.80
N ARG E 26 -15.24 -4.08 -21.39
CA ARG E 26 -16.22 -4.17 -22.48
C ARG E 26 -15.71 -5.02 -23.63
N ASN E 27 -14.49 -4.72 -24.09
CA ASN E 27 -13.86 -5.41 -25.21
C ASN E 27 -13.72 -6.88 -24.96
N VAL E 28 -13.21 -7.27 -23.82
CA VAL E 28 -13.07 -8.69 -23.56
C VAL E 28 -14.45 -9.35 -23.51
N ALA E 29 -15.40 -8.67 -22.86
CA ALA E 29 -16.78 -9.16 -22.77
C ALA E 29 -17.33 -9.41 -24.14
N ALA E 30 -17.16 -8.42 -25.02
CA ALA E 30 -17.68 -8.49 -26.36
C ALA E 30 -17.02 -9.58 -27.17
N LEU E 31 -15.72 -9.74 -26.99
CA LEU E 31 -14.94 -10.73 -27.71
C LEU E 31 -15.19 -12.19 -27.28
N ARG E 32 -15.40 -12.40 -25.98
CA ARG E 32 -15.65 -13.73 -25.47
C ARG E 32 -16.94 -14.25 -26.08
N ARG E 33 -17.91 -13.35 -26.18
CA ARG E 33 -19.24 -13.59 -26.74
C ARG E 33 -19.21 -13.85 -28.23
N SER E 34 -18.31 -13.18 -28.94
CA SER E 34 -18.18 -13.39 -30.36
C SER E 34 -17.18 -14.48 -30.70
N GLY E 35 -16.64 -15.12 -29.69
CA GLY E 35 -15.67 -16.20 -29.88
C GLY E 35 -14.33 -15.73 -30.41
N GLY E 36 -14.02 -14.47 -30.18
CA GLY E 36 -12.81 -13.93 -30.73
C GLY E 36 -12.96 -13.11 -31.99
N SER E 37 -14.09 -13.20 -32.69
CA SER E 37 -14.32 -12.39 -33.88
C SER E 37 -14.41 -10.88 -33.65
N VAL E 38 -13.51 -10.13 -34.29
CA VAL E 38 -13.52 -8.68 -34.16
C VAL E 38 -14.81 -8.17 -34.78
N GLN E 39 -15.08 -8.67 -35.98
CA GLN E 39 -16.26 -8.33 -36.71
C GLN E 39 -17.51 -8.39 -35.80
N GLY E 40 -17.65 -9.50 -35.07
CA GLY E 40 -18.74 -9.67 -34.16
C GLY E 40 -18.67 -8.74 -32.99
N ALA E 41 -17.51 -8.64 -32.34
CA ALA E 41 -17.42 -7.82 -31.13
C ALA E 41 -17.76 -6.37 -31.42
N LEU E 42 -17.34 -5.91 -32.59
CA LEU E 42 -17.68 -4.59 -33.08
C LEU E 42 -19.17 -4.35 -33.04
N ASP E 43 -19.91 -5.22 -33.70
CA ASP E 43 -21.33 -5.08 -33.74
C ASP E 43 -21.97 -4.99 -32.33
N SER E 44 -21.61 -5.94 -31.47
CA SER E 44 -21.96 -5.93 -30.07
C SER E 44 -21.64 -4.60 -29.38
N LEU E 45 -20.44 -4.06 -29.61
CA LEU E 45 -20.02 -2.84 -28.94
C LEU E 45 -20.80 -1.64 -29.40
N LEU E 46 -21.32 -1.71 -30.61
CA LEU E 46 -22.11 -0.62 -31.15
C LEU E 46 -23.59 -0.68 -30.76
N ASN E 47 -24.03 -1.71 -30.00
CA ASN E 47 -25.36 -1.70 -29.32
C ASN E 47 -25.51 -2.04 -27.81
N GLY E 48 -24.76 -2.89 -27.13
CA GLY E 48 -24.44 -4.22 -27.55
C GLY E 48 -24.95 -5.19 -26.50
N ASP F 4 -19.67 -22.51 -18.64
CA ASP F 4 -19.79 -21.07 -19.02
C ASP F 4 -19.87 -20.84 -20.58
N PRO F 5 -20.99 -20.26 -21.11
CA PRO F 5 -21.34 -20.47 -22.53
C PRO F 5 -20.25 -20.04 -23.51
N GLU F 6 -19.66 -18.86 -23.28
CA GLU F 6 -18.62 -18.30 -24.14
C GLU F 6 -17.42 -19.24 -24.24
N GLU F 7 -17.07 -19.85 -23.13
CA GLU F 7 -15.96 -20.80 -23.08
C GLU F 7 -16.37 -22.12 -23.69
N ARG F 8 -17.57 -22.58 -23.36
CA ARG F 8 -18.07 -23.88 -23.84
C ARG F 8 -18.30 -23.91 -25.35
N TYR F 9 -18.88 -22.86 -25.91
CA TYR F 9 -19.19 -22.85 -27.31
C TYR F 9 -18.25 -21.97 -28.10
N GLU F 10 -17.04 -21.79 -27.57
CA GLU F 10 -16.06 -20.91 -28.20
C GLU F 10 -15.90 -21.16 -29.69
N HIS F 11 -15.39 -22.32 -30.09
CA HIS F 11 -15.17 -22.40 -31.50
C HIS F 11 -16.43 -22.48 -32.39
N GLN F 12 -17.58 -22.82 -31.84
CA GLN F 12 -18.84 -22.64 -32.58
C GLN F 12 -19.24 -21.18 -32.69
N LEU F 13 -19.24 -20.45 -31.57
CA LEU F 13 -19.51 -19.02 -31.58
C LEU F 13 -18.65 -18.29 -32.61
N ARG F 14 -17.41 -18.73 -32.73
CA ARG F 14 -16.54 -18.09 -33.69
C ARG F 14 -17.06 -18.28 -35.09
N GLN F 15 -17.38 -19.52 -35.46
CA GLN F 15 -17.87 -19.82 -36.79
C GLN F 15 -19.13 -19.07 -37.13
N LEU F 16 -20.05 -19.02 -36.18
CA LEU F 16 -21.30 -18.29 -36.37
C LEU F 16 -21.03 -16.82 -36.60
N ASN F 17 -20.20 -16.24 -35.73
CA ASN F 17 -19.76 -14.86 -35.90
C ASN F 17 -19.03 -14.62 -37.23
N ASP F 18 -18.21 -15.58 -37.62
CA ASP F 18 -17.54 -15.55 -38.93
C ASP F 18 -18.45 -15.89 -40.11
N MET F 19 -19.77 -15.96 -39.87
CA MET F 19 -20.76 -16.08 -40.93
C MET F 19 -21.77 -14.96 -40.83
N GLY F 20 -21.50 -14.01 -39.93
CA GLY F 20 -22.37 -12.84 -39.80
C GLY F 20 -23.43 -12.96 -38.72
N PHE F 21 -23.43 -14.05 -37.98
CA PHE F 21 -24.41 -14.19 -36.92
C PHE F 21 -23.85 -13.63 -35.62
N PHE F 22 -24.03 -12.34 -35.44
CA PHE F 22 -23.48 -11.61 -34.30
C PHE F 22 -24.27 -11.61 -33.01
N ASP F 23 -25.50 -12.11 -33.01
CA ASP F 23 -26.30 -12.02 -31.80
C ASP F 23 -25.96 -13.20 -30.87
N PHE F 24 -25.29 -12.87 -29.77
CA PHE F 24 -24.86 -13.87 -28.81
C PHE F 24 -26.02 -14.69 -28.26
N ASP F 25 -26.98 -14.02 -27.63
CA ASP F 25 -28.11 -14.70 -27.01
C ASP F 25 -28.80 -15.65 -27.97
N ARG F 26 -29.06 -15.19 -29.18
CA ARG F 26 -29.60 -16.07 -30.21
C ARG F 26 -28.69 -17.24 -30.49
N ASN F 27 -27.40 -16.98 -30.69
CA ASN F 27 -26.45 -18.05 -30.97
C ASN F 27 -26.40 -19.14 -29.87
N VAL F 28 -26.24 -18.73 -28.61
CA VAL F 28 -26.21 -19.69 -27.51
C VAL F 28 -27.51 -20.51 -27.48
N ALA F 29 -28.64 -19.80 -27.56
CA ALA F 29 -29.93 -20.43 -27.62
C ALA F 29 -29.95 -21.50 -28.72
N ALA F 30 -29.54 -21.11 -29.91
CA ALA F 30 -29.59 -22.01 -31.05
C ALA F 30 -28.67 -23.19 -30.81
N LEU F 31 -27.52 -22.93 -30.20
CA LEU F 31 -26.50 -23.95 -30.03
C LEU F 31 -26.85 -24.95 -28.95
N ARG F 32 -27.49 -24.47 -27.88
CA ARG F 32 -27.92 -25.34 -26.79
C ARG F 32 -28.90 -26.37 -27.33
N ARG F 33 -29.78 -25.90 -28.22
CA ARG F 33 -30.81 -26.71 -28.84
C ARG F 33 -30.25 -27.76 -29.79
N SER F 34 -29.15 -27.42 -30.45
CA SER F 34 -28.54 -28.30 -31.43
C SER F 34 -27.45 -29.14 -30.77
N GLY F 35 -27.32 -28.99 -29.46
CA GLY F 35 -26.32 -29.72 -28.70
C GLY F 35 -24.88 -29.36 -29.06
N GLY F 36 -24.66 -28.12 -29.50
CA GLY F 36 -23.33 -27.71 -29.90
C GLY F 36 -23.06 -27.77 -31.40
N SER F 37 -23.95 -28.39 -32.19
CA SER F 37 -23.75 -28.52 -33.64
C SER F 37 -23.88 -27.19 -34.39
N VAL F 38 -22.80 -26.74 -35.03
CA VAL F 38 -22.86 -25.49 -35.82
C VAL F 38 -23.88 -25.69 -36.92
N GLN F 39 -23.69 -26.77 -37.65
CA GLN F 39 -24.58 -27.15 -38.73
C GLN F 39 -26.05 -26.95 -38.35
N GLY F 40 -26.44 -27.50 -37.20
CA GLY F 40 -27.80 -27.40 -36.66
C GLY F 40 -28.23 -26.01 -36.25
N ALA F 41 -27.37 -25.31 -35.51
CA ALA F 41 -27.71 -23.98 -35.02
C ALA F 41 -27.93 -23.01 -36.17
N LEU F 42 -27.11 -23.15 -37.21
CA LEU F 42 -27.24 -22.40 -38.43
C LEU F 42 -28.66 -22.47 -38.95
N ASP F 43 -29.11 -23.70 -39.14
CA ASP F 43 -30.43 -23.97 -39.65
C ASP F 43 -31.51 -23.29 -38.79
N SER F 44 -31.40 -23.46 -37.48
CA SER F 44 -32.25 -22.77 -36.49
C SER F 44 -32.25 -21.27 -36.65
N LEU F 45 -31.06 -20.70 -36.81
CA LEU F 45 -30.92 -19.26 -36.91
C LEU F 45 -31.52 -18.74 -38.19
N LEU F 46 -31.55 -19.56 -39.23
CA LEU F 46 -32.12 -19.13 -40.49
C LEU F 46 -33.66 -19.24 -40.57
N ASN F 47 -34.32 -19.75 -39.52
CA ASN F 47 -35.81 -19.66 -39.43
C ASN F 47 -36.40 -19.32 -38.05
N GLY F 48 -35.59 -19.39 -36.99
CA GLY F 48 -36.07 -19.15 -35.62
C GLY F 48 -35.92 -20.34 -34.67
N LEU G 3 -31.16 -28.73 -16.20
CA LEU G 3 -32.27 -29.24 -15.34
C LEU G 3 -33.56 -29.73 -16.04
N ASP G 4 -33.68 -29.93 -17.38
CA ASP G 4 -33.59 -28.96 -18.52
C ASP G 4 -33.20 -29.63 -19.88
N PRO G 5 -34.12 -29.68 -20.88
CA PRO G 5 -33.93 -30.67 -21.99
C PRO G 5 -32.58 -30.58 -22.72
N GLU G 6 -32.18 -29.35 -23.03
CA GLU G 6 -30.94 -29.10 -23.75
C GLU G 6 -29.76 -29.64 -22.97
N GLU G 7 -29.81 -29.46 -21.65
CA GLU G 7 -28.74 -29.93 -20.80
C GLU G 7 -28.83 -31.43 -20.64
N ARG G 8 -30.05 -31.93 -20.46
CA ARG G 8 -30.26 -33.35 -20.21
C ARG G 8 -29.93 -34.23 -21.40
N TYR G 9 -30.35 -33.80 -22.58
CA TYR G 9 -30.14 -34.60 -23.77
C TYR G 9 -29.01 -34.07 -24.64
N GLU G 10 -28.06 -33.39 -24.03
CA GLU G 10 -26.97 -32.77 -24.78
C GLU G 10 -26.27 -33.73 -25.75
N HIS G 11 -25.64 -34.78 -25.23
CA HIS G 11 -24.94 -35.71 -26.12
C HIS G 11 -25.84 -36.33 -27.19
N GLN G 12 -27.10 -36.59 -26.89
CA GLN G 12 -28.03 -37.15 -27.89
C GLN G 12 -28.44 -36.11 -28.93
N LEU G 13 -28.85 -34.93 -28.45
CA LEU G 13 -29.22 -33.86 -29.34
C LEU G 13 -28.12 -33.63 -30.35
N ARG G 14 -26.85 -33.69 -29.90
CA ARG G 14 -25.72 -33.44 -30.78
C ARG G 14 -25.63 -34.48 -31.87
N GLN G 15 -25.79 -35.77 -31.51
CA GLN G 15 -25.77 -36.86 -32.48
C GLN G 15 -26.86 -36.72 -33.53
N LEU G 16 -28.06 -36.41 -33.06
CA LEU G 16 -29.20 -36.21 -33.96
C LEU G 16 -28.91 -35.10 -34.95
N ASN G 17 -28.47 -33.96 -34.41
CA ASN G 17 -28.15 -32.80 -35.21
C ASN G 17 -27.03 -33.14 -36.18
N ASP G 18 -26.12 -34.04 -35.82
CA ASP G 18 -25.00 -34.33 -36.71
C ASP G 18 -25.36 -35.39 -37.73
N MET G 19 -26.60 -35.87 -37.61
CA MET G 19 -27.21 -36.70 -38.62
C MET G 19 -28.25 -35.93 -39.46
N GLY G 20 -28.31 -34.60 -39.31
CA GLY G 20 -29.26 -33.76 -40.05
C GLY G 20 -30.62 -33.53 -39.38
N PHE G 21 -30.88 -34.14 -38.22
CA PHE G 21 -32.16 -33.93 -37.55
C PHE G 21 -32.20 -32.66 -36.71
N PHE G 22 -32.38 -31.54 -37.42
CA PHE G 22 -32.31 -30.20 -36.81
C PHE G 22 -33.50 -29.72 -35.91
N ASP G 23 -34.63 -30.44 -35.92
CA ASP G 23 -35.82 -29.92 -35.27
C ASP G 23 -35.85 -30.30 -33.79
N PHE G 24 -35.58 -29.29 -32.97
CA PHE G 24 -35.38 -29.46 -31.55
C PHE G 24 -36.60 -30.12 -30.93
N ASP G 25 -37.77 -29.51 -31.14
CA ASP G 25 -39.00 -29.99 -30.49
C ASP G 25 -39.29 -31.44 -30.83
N ARG G 26 -39.15 -31.77 -32.13
CA ARG G 26 -39.22 -33.16 -32.60
C ARG G 26 -38.22 -34.06 -31.89
N ASN G 27 -36.95 -33.65 -31.87
CA ASN G 27 -35.91 -34.40 -31.19
C ASN G 27 -36.22 -34.71 -29.71
N VAL G 28 -36.55 -33.67 -28.94
CA VAL G 28 -36.81 -33.86 -27.53
C VAL G 28 -37.98 -34.81 -27.39
N ALA G 29 -39.04 -34.56 -28.17
CA ALA G 29 -40.23 -35.41 -28.16
C ALA G 29 -39.84 -36.86 -28.37
N ALA G 30 -39.03 -37.10 -29.41
CA ALA G 30 -38.62 -38.44 -29.78
C ALA G 30 -37.79 -39.07 -28.66
N LEU G 31 -36.87 -38.27 -28.11
CA LEU G 31 -35.95 -38.74 -27.07
C LEU G 31 -36.65 -39.07 -25.75
N ARG G 32 -37.63 -38.26 -25.38
CA ARG G 32 -38.36 -38.48 -24.16
C ARG G 32 -39.03 -39.83 -24.25
N ARG G 33 -39.55 -40.13 -25.44
CA ARG G 33 -40.28 -41.39 -25.70
C ARG G 33 -39.37 -42.60 -25.73
N SER G 34 -38.12 -42.39 -26.16
CA SER G 34 -37.17 -43.49 -26.24
C SER G 34 -36.33 -43.55 -25.00
N GLY G 35 -36.63 -42.70 -24.02
CA GLY G 35 -35.96 -42.70 -22.71
C GLY G 35 -34.52 -42.23 -22.80
N GLY G 36 -34.21 -41.43 -23.81
CA GLY G 36 -32.85 -41.00 -24.01
C GLY G 36 -32.12 -41.74 -25.12
N SER G 37 -32.61 -42.91 -25.54
CA SER G 37 -31.91 -43.71 -26.56
C SER G 37 -31.83 -43.06 -27.93
N VAL G 38 -30.63 -42.73 -28.39
CA VAL G 38 -30.51 -42.12 -29.72
C VAL G 38 -31.08 -43.11 -30.70
N GLN G 39 -30.60 -44.34 -30.57
CA GLN G 39 -30.98 -45.42 -31.43
C GLN G 39 -32.50 -45.43 -31.65
N GLY G 40 -33.24 -45.37 -30.54
CA GLY G 40 -34.70 -45.37 -30.53
C GLY G 40 -35.32 -44.10 -31.11
N ALA G 41 -34.81 -42.93 -30.74
CA ALA G 41 -35.38 -41.69 -31.22
C ALA G 41 -35.20 -41.54 -32.76
N LEU G 42 -34.05 -41.98 -33.26
CA LEU G 42 -33.81 -42.07 -34.69
C LEU G 42 -34.95 -42.77 -35.40
N ASP G 43 -35.23 -43.98 -34.94
CA ASP G 43 -36.25 -44.77 -35.55
C ASP G 43 -37.58 -43.99 -35.58
N SER G 44 -37.96 -43.43 -34.43
CA SER G 44 -39.17 -42.60 -34.28
C SER G 44 -39.18 -41.45 -35.27
N LEU G 45 -38.04 -40.78 -35.39
CA LEU G 45 -37.95 -39.62 -36.28
C LEU G 45 -38.09 -40.01 -37.74
N LEU G 46 -37.75 -41.25 -38.06
CA LEU G 46 -37.84 -41.71 -39.43
C LEU G 46 -39.25 -42.20 -39.81
N ASN G 47 -40.19 -42.19 -38.87
CA ASN G 47 -41.63 -42.42 -39.25
C ASN G 47 -42.71 -41.53 -38.57
N GLY G 48 -42.34 -40.72 -37.57
CA GLY G 48 -43.33 -39.97 -36.77
C GLY G 48 -44.14 -40.85 -35.83
N ASP H 4 -47.08 -38.81 -16.12
CA ASP H 4 -46.72 -38.61 -17.55
C ASP H 4 -45.79 -39.72 -18.03
N PRO H 5 -46.23 -40.54 -19.01
CA PRO H 5 -45.61 -41.87 -19.21
C PRO H 5 -44.10 -41.85 -19.45
N GLU H 6 -43.65 -40.93 -20.29
CA GLU H 6 -42.25 -40.78 -20.63
C GLU H 6 -41.43 -40.52 -19.38
N GLU H 7 -41.98 -39.70 -18.49
CA GLU H 7 -41.28 -39.37 -17.26
C GLU H 7 -41.38 -40.52 -16.28
N ARG H 8 -42.55 -41.14 -16.21
CA ARG H 8 -42.78 -42.21 -15.26
C ARG H 8 -42.00 -43.49 -15.57
N TYR H 9 -41.97 -43.88 -16.84
CA TYR H 9 -41.26 -45.10 -17.23
C TYR H 9 -39.90 -44.84 -17.88
N GLU H 10 -39.29 -43.70 -17.56
CA GLU H 10 -38.01 -43.32 -18.16
C GLU H 10 -37.02 -44.46 -18.14
N HIS H 11 -36.56 -44.86 -16.95
CA HIS H 11 -35.51 -45.89 -16.91
C HIS H 11 -35.90 -47.21 -17.62
N GLN H 12 -37.18 -47.57 -17.60
CA GLN H 12 -37.65 -48.77 -18.31
C GLN H 12 -37.68 -48.57 -19.83
N LEU H 13 -38.27 -47.46 -20.27
CA LEU H 13 -38.32 -47.17 -21.67
C LEU H 13 -36.91 -47.20 -22.25
N ARG H 14 -35.93 -46.72 -21.50
CA ARG H 14 -34.58 -46.72 -22.00
C ARG H 14 -34.08 -48.14 -22.22
N GLN H 15 -34.26 -49.01 -21.23
CA GLN H 15 -33.81 -50.39 -21.36
C GLN H 15 -34.43 -51.10 -22.56
N LEU H 16 -35.74 -50.93 -22.72
CA LEU H 16 -36.46 -51.52 -23.83
C LEU H 16 -35.91 -51.04 -25.17
N ASN H 17 -35.78 -49.72 -25.29
CA ASN H 17 -35.22 -49.11 -26.45
C ASN H 17 -33.79 -49.61 -26.68
N ASP H 18 -33.07 -49.89 -25.60
CA ASP H 18 -31.70 -50.39 -25.72
C ASP H 18 -31.65 -51.91 -25.95
N MET H 19 -32.83 -52.50 -26.08
CA MET H 19 -32.93 -53.86 -26.54
C MET H 19 -33.56 -53.94 -27.93
N GLY H 20 -33.79 -52.79 -28.54
CA GLY H 20 -34.38 -52.73 -29.88
C GLY H 20 -35.90 -52.57 -29.93
N PHE H 21 -36.52 -52.46 -28.77
CA PHE H 21 -37.96 -52.24 -28.73
C PHE H 21 -38.32 -50.76 -28.81
N PHE H 22 -38.36 -50.26 -30.05
CA PHE H 22 -38.58 -48.85 -30.33
C PHE H 22 -40.01 -48.30 -30.32
N ASP H 23 -41.02 -49.17 -30.28
CA ASP H 23 -42.39 -48.70 -30.40
C ASP H 23 -42.88 -48.22 -29.05
N PHE H 24 -43.03 -46.90 -28.93
CA PHE H 24 -43.42 -46.26 -27.67
C PHE H 24 -44.78 -46.75 -27.12
N ASP H 25 -45.82 -46.60 -27.92
CA ASP H 25 -47.15 -47.04 -27.53
C ASP H 25 -47.17 -48.46 -27.05
N ARG H 26 -46.56 -49.37 -27.82
CA ARG H 26 -46.44 -50.76 -27.40
C ARG H 26 -45.75 -50.88 -26.06
N ASN H 27 -44.63 -50.18 -25.90
CA ASN H 27 -43.84 -50.25 -24.69
C ASN H 27 -44.63 -49.77 -23.47
N VAL H 28 -45.28 -48.62 -23.60
CA VAL H 28 -46.07 -48.10 -22.48
C VAL H 28 -47.19 -49.09 -22.13
N ALA H 29 -47.88 -49.56 -23.17
CA ALA H 29 -48.92 -50.58 -23.00
C ALA H 29 -48.41 -51.78 -22.23
N ALA H 30 -47.28 -52.32 -22.66
CA ALA H 30 -46.68 -53.48 -22.03
C ALA H 30 -46.26 -53.19 -20.59
N LEU H 31 -45.71 -52.01 -20.37
CA LEU H 31 -45.22 -51.63 -19.04
C LEU H 31 -46.32 -51.39 -18.03
N ARG H 32 -47.41 -50.77 -18.47
CA ARG H 32 -48.53 -50.49 -17.61
C ARG H 32 -49.10 -51.81 -17.07
N ARG H 33 -49.11 -52.80 -17.95
CA ARG H 33 -49.62 -54.12 -17.67
C ARG H 33 -48.72 -54.88 -16.73
N SER H 34 -47.43 -54.62 -16.82
CA SER H 34 -46.47 -55.30 -15.95
C SER H 34 -46.19 -54.51 -14.69
N GLY H 35 -46.90 -53.39 -14.52
CA GLY H 35 -46.73 -52.55 -13.34
C GLY H 35 -45.37 -51.87 -13.29
N GLY H 36 -44.75 -51.69 -14.45
CA GLY H 36 -43.43 -51.09 -14.53
C GLY H 36 -42.28 -52.08 -14.66
N SER H 37 -42.55 -53.37 -14.54
CA SER H 37 -41.47 -54.38 -14.63
C SER H 37 -40.92 -54.58 -16.03
N VAL H 38 -39.65 -54.24 -16.24
CA VAL H 38 -39.06 -54.43 -17.55
C VAL H 38 -39.15 -55.89 -17.89
N GLN H 39 -38.68 -56.72 -16.96
CA GLN H 39 -38.68 -58.14 -17.11
C GLN H 39 -40.01 -58.65 -17.67
N GLY H 40 -41.12 -58.19 -17.10
CA GLY H 40 -42.47 -58.55 -17.55
C GLY H 40 -42.90 -57.96 -18.88
N ALA H 41 -42.60 -56.68 -19.10
CA ALA H 41 -42.99 -56.04 -20.33
C ALA H 41 -42.29 -56.69 -21.51
N LEU H 42 -41.03 -57.06 -21.30
CA LEU H 42 -40.25 -57.80 -22.29
C LEU H 42 -41.01 -59.01 -22.78
N ASP H 43 -41.40 -59.86 -21.82
CA ASP H 43 -42.10 -61.09 -22.10
C ASP H 43 -43.37 -60.82 -22.91
N SER H 44 -44.15 -59.84 -22.46
CA SER H 44 -45.33 -59.34 -23.17
C SER H 44 -45.03 -58.94 -24.62
N LEU H 45 -43.95 -58.19 -24.80
CA LEU H 45 -43.57 -57.68 -26.11
C LEU H 45 -43.18 -58.78 -27.05
N LEU H 46 -42.62 -59.85 -26.51
CA LEU H 46 -42.19 -60.98 -27.32
C LEU H 46 -43.31 -61.96 -27.74
N ASN H 47 -44.56 -61.73 -27.29
CA ASN H 47 -45.73 -62.47 -27.84
C ASN H 47 -46.95 -61.62 -28.22
N GLY H 48 -46.77 -60.29 -28.25
CA GLY H 48 -47.87 -59.33 -28.47
C GLY H 48 -48.43 -58.69 -27.19
N ASP I 4 -59.60 -48.50 -13.49
CA ASP I 4 -58.75 -49.07 -14.58
C ASP I 4 -57.64 -50.04 -14.05
N PRO I 5 -57.65 -51.33 -14.48
CA PRO I 5 -56.96 -52.37 -13.69
C PRO I 5 -55.46 -52.11 -13.53
N GLU I 6 -54.80 -51.72 -14.61
CA GLU I 6 -53.36 -51.41 -14.61
C GLU I 6 -53.04 -50.33 -13.59
N GLU I 7 -53.90 -49.32 -13.51
CA GLU I 7 -53.71 -48.24 -12.56
C GLU I 7 -54.08 -48.69 -11.18
N ARG I 8 -55.16 -49.44 -11.07
CA ARG I 8 -55.68 -49.86 -9.77
C ARG I 8 -54.76 -50.84 -9.07
N TYR I 9 -54.27 -51.86 -9.79
CA TYR I 9 -53.42 -52.89 -9.22
C TYR I 9 -51.92 -52.71 -9.52
N GLU I 10 -51.51 -51.46 -9.75
CA GLU I 10 -50.13 -51.17 -10.16
C GLU I 10 -49.14 -51.85 -9.24
N HIS I 11 -49.09 -51.37 -8.01
CA HIS I 11 -48.19 -51.91 -7.02
C HIS I 11 -48.19 -53.47 -6.95
N GLN I 12 -49.36 -54.09 -7.08
CA GLN I 12 -49.47 -55.56 -7.01
C GLN I 12 -48.98 -56.24 -8.29
N LEU I 13 -49.42 -55.70 -9.42
CA LEU I 13 -48.98 -56.19 -10.72
C LEU I 13 -47.46 -56.21 -10.76
N ARG I 14 -46.84 -55.19 -10.18
CA ARG I 14 -45.41 -55.12 -10.20
C ARG I 14 -44.81 -56.27 -9.44
N GLN I 15 -45.29 -56.52 -8.23
CA GLN I 15 -44.77 -57.61 -7.42
C GLN I 15 -44.91 -58.96 -8.10
N LEU I 16 -46.05 -59.18 -8.72
CA LEU I 16 -46.32 -60.43 -9.41
C LEU I 16 -45.35 -60.61 -10.57
N ASN I 17 -45.24 -59.55 -11.36
CA ASN I 17 -44.29 -59.54 -12.47
C ASN I 17 -42.87 -59.71 -11.96
N ASP I 18 -42.59 -59.14 -10.79
CA ASP I 18 -41.31 -59.29 -10.11
C ASP I 18 -41.03 -60.72 -9.72
N MET I 19 -42.06 -61.52 -9.58
CA MET I 19 -41.91 -62.91 -9.19
C MET I 19 -42.06 -63.85 -10.38
N GLY I 20 -42.11 -63.28 -11.58
CA GLY I 20 -42.17 -64.08 -12.80
C GLY I 20 -43.58 -64.36 -13.33
N PHE I 21 -44.59 -63.82 -12.67
CA PHE I 21 -45.96 -64.00 -13.15
C PHE I 21 -46.34 -62.94 -14.15
N PHE I 22 -46.01 -63.21 -15.42
CA PHE I 22 -46.13 -62.23 -16.49
C PHE I 22 -47.49 -62.12 -17.16
N ASP I 23 -48.39 -63.05 -16.90
CA ASP I 23 -49.67 -63.05 -17.60
C ASP I 23 -50.65 -62.06 -16.98
N PHE I 24 -50.86 -60.95 -17.68
CA PHE I 24 -51.71 -59.86 -17.18
C PHE I 24 -53.13 -60.33 -16.82
N ASP I 25 -53.82 -60.87 -17.82
CA ASP I 25 -55.18 -61.34 -17.64
C ASP I 25 -55.33 -62.27 -16.44
N ARG I 26 -54.44 -63.25 -16.33
CA ARG I 26 -54.39 -64.13 -15.15
C ARG I 26 -54.21 -63.34 -13.85
N ASN I 27 -53.25 -62.42 -13.86
CA ASN I 27 -52.93 -61.64 -12.68
C ASN I 27 -54.11 -60.80 -12.23
N VAL I 28 -54.74 -60.07 -13.16
CA VAL I 28 -55.89 -59.27 -12.79
C VAL I 28 -57.00 -60.17 -12.24
N ALA I 29 -57.26 -61.26 -12.96
CA ALA I 29 -58.25 -62.24 -12.53
C ALA I 29 -57.98 -62.73 -11.10
N ALA I 30 -56.72 -63.08 -10.83
CA ALA I 30 -56.33 -63.56 -9.52
C ALA I 30 -56.48 -62.47 -8.45
N LEU I 31 -56.09 -61.26 -8.81
CA LEU I 31 -56.15 -60.12 -7.88
C LEU I 31 -57.57 -59.65 -7.54
N ARG I 32 -58.47 -59.70 -8.52
CA ARG I 32 -59.84 -59.27 -8.31
C ARG I 32 -60.48 -60.18 -7.28
N ARG I 33 -60.13 -61.46 -7.38
CA ARG I 33 -60.67 -62.48 -6.51
C ARG I 33 -60.10 -62.39 -5.14
N SER I 34 -58.87 -61.92 -5.01
CA SER I 34 -58.25 -61.81 -3.72
C SER I 34 -58.48 -60.43 -3.11
N GLY I 35 -59.26 -59.61 -3.78
CA GLY I 35 -59.52 -58.26 -3.34
C GLY I 35 -58.31 -57.35 -3.40
N GLY I 36 -57.35 -57.65 -4.27
CA GLY I 36 -56.14 -56.87 -4.30
C GLY I 36 -54.97 -57.48 -3.56
N SER I 37 -55.19 -58.52 -2.72
CA SER I 37 -54.10 -59.13 -1.92
C SER I 37 -53.07 -59.90 -2.75
N VAL I 38 -51.82 -59.44 -2.74
CA VAL I 38 -50.76 -60.14 -3.49
C VAL I 38 -50.66 -61.57 -2.95
N GLN I 39 -50.54 -61.63 -1.63
CA GLN I 39 -50.40 -62.87 -0.92
C GLN I 39 -51.42 -63.90 -1.42
N GLY I 40 -52.68 -63.48 -1.53
CA GLY I 40 -53.78 -64.32 -2.01
C GLY I 40 -53.73 -64.65 -3.48
N ALA I 41 -53.41 -63.68 -4.34
CA ALA I 41 -53.38 -63.93 -5.77
C ALA I 41 -52.27 -64.89 -6.12
N LEU I 42 -51.14 -64.72 -5.45
CA LEU I 42 -50.07 -65.67 -5.57
C LEU I 42 -50.58 -67.09 -5.43
N ASP I 43 -51.23 -67.37 -4.32
CA ASP I 43 -51.73 -68.70 -4.01
C ASP I 43 -52.62 -69.19 -5.14
N SER I 44 -53.52 -68.32 -5.59
CA SER I 44 -54.43 -68.58 -6.71
C SER I 44 -53.68 -68.94 -7.96
N LEU I 45 -52.62 -68.18 -8.25
CA LEU I 45 -51.85 -68.38 -9.47
C LEU I 45 -51.07 -69.68 -9.44
N LEU I 46 -50.73 -70.15 -8.25
CA LEU I 46 -49.99 -71.39 -8.12
C LEU I 46 -50.85 -72.66 -8.16
N ASN I 47 -52.17 -72.53 -8.28
CA ASN I 47 -53.03 -73.70 -8.58
C ASN I 47 -54.18 -73.43 -9.56
N GLY I 48 -54.33 -72.15 -9.95
CA GLY I 48 -55.50 -71.67 -10.70
C GLY I 48 -56.70 -71.28 -9.81
N LEU J 3 39.55 38.37 -11.76
CA LEU J 3 39.90 38.08 -13.22
C LEU J 3 39.23 39.05 -14.23
N ASP J 4 38.94 38.63 -15.45
CA ASP J 4 38.96 39.60 -16.54
C ASP J 4 38.64 38.94 -17.88
N PRO J 5 37.60 39.41 -18.61
CA PRO J 5 36.98 38.55 -19.61
C PRO J 5 37.96 38.08 -20.68
N GLU J 6 38.81 38.97 -21.18
CA GLU J 6 39.77 38.64 -22.22
C GLU J 6 40.67 37.52 -21.74
N GLU J 7 41.06 37.59 -20.47
CA GLU J 7 41.93 36.58 -19.91
C GLU J 7 41.16 35.32 -19.65
N ARG J 8 39.95 35.48 -19.13
CA ARG J 8 39.16 34.32 -18.73
C ARG J 8 38.68 33.48 -19.91
N TYR J 9 38.19 34.14 -20.95
CA TYR J 9 37.68 33.43 -22.12
C TYR J 9 38.64 33.43 -23.33
N GLU J 10 39.95 33.51 -23.05
CA GLU J 10 40.94 33.59 -24.12
C GLU J 10 40.77 32.47 -25.13
N HIS J 11 40.84 31.23 -24.66
CA HIS J 11 40.73 30.13 -25.59
C HIS J 11 39.45 30.15 -26.41
N GLN J 12 38.36 30.56 -25.79
CA GLN J 12 37.07 30.59 -26.48
C GLN J 12 36.94 31.77 -27.44
N LEU J 13 37.24 32.97 -26.94
CA LEU J 13 37.33 34.14 -27.80
C LEU J 13 38.17 33.87 -29.07
N ARG J 14 39.28 33.14 -28.93
CA ARG J 14 40.04 32.85 -30.09
C ARG J 14 39.29 31.99 -31.11
N GLN J 15 38.62 30.95 -30.63
CA GLN J 15 37.88 30.08 -31.56
C GLN J 15 36.79 30.84 -32.27
N LEU J 16 36.07 31.66 -31.51
CA LEU J 16 34.99 32.46 -32.07
C LEU J 16 35.51 33.42 -33.15
N ASN J 17 36.57 34.15 -32.81
CA ASN J 17 37.21 35.03 -33.75
C ASN J 17 37.68 34.26 -34.93
N ASP J 18 38.04 32.99 -34.73
CA ASP J 18 38.57 32.24 -35.85
C ASP J 18 37.49 31.76 -36.80
N MET J 19 36.25 31.83 -36.32
CA MET J 19 35.13 31.47 -37.13
C MET J 19 34.47 32.72 -37.69
N GLY J 20 35.09 33.87 -37.53
CA GLY J 20 34.51 35.10 -38.06
C GLY J 20 33.65 35.94 -37.09
N PHE J 21 33.53 35.48 -35.85
CA PHE J 21 32.76 36.21 -34.87
C PHE J 21 33.60 37.26 -34.15
N PHE J 22 33.76 38.41 -34.80
CA PHE J 22 34.62 39.46 -34.31
C PHE J 22 34.09 40.36 -33.17
N ASP J 23 32.81 40.26 -32.81
CA ASP J 23 32.26 41.26 -31.89
C ASP J 23 32.47 40.82 -30.44
N PHE J 24 33.33 41.57 -29.76
CA PHE J 24 33.82 41.15 -28.45
C PHE J 24 32.70 41.11 -27.46
N ASP J 25 32.02 42.25 -27.33
CA ASP J 25 30.86 42.40 -26.41
C ASP J 25 29.81 41.35 -26.63
N ARG J 26 29.42 41.10 -27.89
CA ARG J 26 28.57 39.96 -28.21
C ARG J 26 29.16 38.63 -27.76
N ASN J 27 30.42 38.37 -28.08
CA ASN J 27 31.04 37.10 -27.73
C ASN J 27 31.06 36.88 -26.23
N VAL J 28 31.51 37.89 -25.47
CA VAL J 28 31.58 37.73 -24.03
C VAL J 28 30.18 37.46 -23.52
N ALA J 29 29.21 38.26 -23.99
CA ALA J 29 27.80 38.12 -23.60
C ALA J 29 27.35 36.68 -23.81
N ALA J 30 27.58 36.17 -25.00
CA ALA J 30 27.18 34.83 -25.36
C ALA J 30 27.87 33.80 -24.50
N LEU J 31 29.16 34.00 -24.24
CA LEU J 31 29.95 33.01 -23.51
C LEU J 31 29.61 32.96 -22.00
N ARG J 32 29.25 34.10 -21.43
CA ARG J 32 28.88 34.15 -20.07
C ARG J 32 27.63 33.27 -19.91
N ARG J 33 26.74 33.36 -20.88
CA ARG J 33 25.44 32.74 -20.79
C ARG J 33 25.59 31.27 -20.98
N SER J 34 26.61 30.85 -21.73
CA SER J 34 26.82 29.44 -22.01
C SER J 34 27.81 28.87 -21.05
N GLY J 35 28.19 29.65 -20.05
CA GLY J 35 29.15 29.19 -19.05
C GLY J 35 30.55 28.93 -19.60
N GLY J 36 30.92 29.57 -20.69
CA GLY J 36 32.20 29.31 -21.23
C GLY J 36 32.14 28.33 -22.40
N SER J 37 31.01 27.64 -22.62
CA SER J 37 30.91 26.73 -23.77
C SER J 37 30.93 27.35 -25.17
N VAL J 38 31.99 27.12 -25.95
CA VAL J 38 32.05 27.65 -27.31
C VAL J 38 30.86 27.13 -28.06
N GLN J 39 30.68 25.82 -28.03
CA GLN J 39 29.57 25.18 -28.69
C GLN J 39 28.22 25.93 -28.46
N GLY J 40 27.95 26.27 -27.18
CA GLY J 40 26.75 27.00 -26.79
C GLY J 40 26.70 28.45 -27.22
N ALA J 41 27.79 29.18 -26.99
CA ALA J 41 27.83 30.58 -27.42
C ALA J 41 27.66 30.70 -28.96
N LEU J 42 28.24 29.77 -29.71
CA LEU J 42 28.04 29.73 -31.13
C LEU J 42 26.55 29.76 -31.46
N ASP J 43 25.83 28.86 -30.84
CA ASP J 43 24.44 28.69 -31.15
C ASP J 43 23.69 29.98 -30.84
N SER J 44 23.98 30.55 -29.68
CA SER J 44 23.51 31.88 -29.29
C SER J 44 23.80 32.94 -30.31
N LEU J 45 25.02 32.96 -30.83
CA LEU J 45 25.45 34.00 -31.75
C LEU J 45 24.73 33.88 -33.06
N LEU J 46 24.36 32.67 -33.42
CA LEU J 46 23.67 32.46 -34.69
C LEU J 46 22.17 32.71 -34.64
N ASN J 47 21.61 33.07 -33.49
CA ASN J 47 20.23 33.62 -33.48
C ASN J 47 20.03 34.96 -32.78
N GLY J 48 20.92 35.94 -33.03
CA GLY J 48 21.71 36.03 -34.29
C GLY J 48 20.99 36.63 -35.49
N LEU K 3 25.89 37.02 -7.78
CA LEU K 3 24.82 38.06 -7.65
C LEU K 3 24.14 38.32 -9.00
N ASP K 4 23.91 37.30 -9.83
CA ASP K 4 23.81 37.50 -11.28
C ASP K 4 23.86 36.15 -11.99
N PRO K 5 22.84 35.81 -12.81
CA PRO K 5 22.61 34.40 -13.09
C PRO K 5 23.79 33.69 -13.73
N GLU K 6 24.42 34.35 -14.70
CA GLU K 6 25.51 33.76 -15.46
C GLU K 6 26.67 33.46 -14.52
N GLU K 7 26.92 34.35 -13.58
CA GLU K 7 27.95 34.13 -12.59
C GLU K 7 27.50 33.10 -11.58
N ARG K 8 26.25 33.17 -11.12
CA ARG K 8 25.79 32.24 -10.09
C ARG K 8 25.69 30.79 -10.54
N TYR K 9 25.16 30.55 -11.72
CA TYR K 9 25.02 29.19 -12.24
C TYR K 9 26.09 28.78 -13.25
N GLU K 10 27.24 29.46 -13.21
CA GLU K 10 28.32 29.19 -14.18
C GLU K 10 28.65 27.69 -14.41
N HIS K 11 29.11 26.99 -13.37
CA HIS K 11 29.35 25.57 -13.43
C HIS K 11 28.17 24.81 -14.03
N GLN K 12 26.94 25.20 -13.68
CA GLN K 12 25.76 24.43 -14.13
C GLN K 12 25.37 24.71 -15.57
N LEU K 13 25.29 26.01 -15.89
CA LEU K 13 25.14 26.44 -17.27
C LEU K 13 26.15 25.70 -18.18
N ARG K 14 27.40 25.60 -17.75
CA ARG K 14 28.33 24.94 -18.58
C ARG K 14 27.95 23.49 -18.87
N GLN K 15 27.63 22.73 -17.83
CA GLN K 15 27.22 21.32 -18.05
C GLN K 15 26.01 21.19 -18.95
N LEU K 16 25.01 22.06 -18.77
CA LEU K 16 23.83 22.01 -19.60
C LEU K 16 24.19 22.31 -21.05
N ASN K 17 24.98 23.36 -21.24
CA ASN K 17 25.44 23.71 -22.58
C ASN K 17 26.28 22.60 -23.15
N ASP K 18 27.08 21.96 -22.30
CA ASP K 18 27.90 20.84 -22.78
C ASP K 18 27.02 19.67 -23.23
N MET K 19 25.77 19.64 -22.75
CA MET K 19 24.86 18.56 -23.09
C MET K 19 23.94 18.91 -24.23
N GLY K 20 24.10 20.12 -24.77
CA GLY K 20 23.31 20.55 -25.91
C GLY K 20 22.13 21.45 -25.55
N PHE K 21 21.95 21.73 -24.26
CA PHE K 21 20.92 22.63 -23.85
C PHE K 21 21.40 24.06 -23.91
N PHE K 22 21.28 24.65 -25.11
CA PHE K 22 21.72 26.00 -25.37
C PHE K 22 20.82 27.19 -24.90
N ASP K 23 19.60 26.96 -24.48
CA ASP K 23 18.69 28.08 -24.30
C ASP K 23 18.85 28.63 -22.91
N PHE K 24 19.40 29.82 -22.82
CA PHE K 24 19.80 30.40 -21.53
C PHE K 24 18.61 30.59 -20.62
N ASP K 25 17.63 31.34 -21.12
CA ASP K 25 16.42 31.59 -20.38
C ASP K 25 15.78 30.33 -19.83
N ARG K 26 15.65 29.31 -20.66
CA ARG K 26 15.15 28.04 -20.20
C ARG K 26 16.05 27.47 -19.11
N ASN K 27 17.35 27.45 -19.33
CA ASN K 27 18.26 26.85 -18.36
C ASN K 27 18.17 27.54 -16.99
N VAL K 28 18.22 28.88 -16.99
CA VAL K 28 18.18 29.59 -15.73
C VAL K 28 16.87 29.28 -15.03
N ALA K 29 15.77 29.38 -15.77
CA ALA K 29 14.46 28.98 -15.26
C ALA K 29 14.46 27.57 -14.61
N ALA K 30 14.99 26.60 -15.33
CA ALA K 30 15.02 25.23 -14.86
C ALA K 30 15.86 25.12 -13.61
N LEU K 31 17.00 25.81 -13.62
CA LEU K 31 17.96 25.78 -12.51
C LEU K 31 17.44 26.45 -11.23
N ARG K 32 16.78 27.59 -11.38
CA ARG K 32 16.22 28.29 -10.24
C ARG K 32 15.27 27.36 -9.50
N ARG K 33 14.47 26.63 -10.28
CA ARG K 33 13.45 25.74 -9.75
C ARG K 33 14.07 24.54 -9.07
N SER K 34 15.25 24.12 -9.54
CA SER K 34 15.89 22.92 -8.97
C SER K 34 16.91 23.34 -7.96
N GLY K 35 16.95 24.63 -7.65
CA GLY K 35 17.84 25.14 -6.61
C GLY K 35 19.30 25.03 -7.02
N GLY K 36 19.53 25.05 -8.31
CA GLY K 36 20.87 24.88 -8.82
C GLY K 36 21.28 23.47 -9.19
N SER K 37 20.48 22.45 -8.88
CA SER K 37 20.84 21.05 -9.20
C SER K 37 20.76 20.76 -10.68
N VAL K 38 21.89 20.41 -11.31
CA VAL K 38 21.90 20.14 -12.77
C VAL K 38 21.03 18.94 -13.03
N GLN K 39 21.21 17.92 -12.19
CA GLN K 39 20.46 16.69 -12.33
C GLN K 39 18.95 17.01 -12.42
N GLY K 40 18.46 17.89 -11.54
CA GLY K 40 17.05 18.32 -11.52
C GLY K 40 16.64 19.15 -12.71
N ALA K 41 17.42 20.16 -13.06
CA ALA K 41 17.08 21.01 -14.15
C ALA K 41 17.03 20.20 -15.44
N LEU K 42 17.96 19.28 -15.60
CA LEU K 42 17.94 18.39 -16.74
C LEU K 42 16.58 17.72 -16.90
N ASP K 43 16.11 17.06 -15.85
CA ASP K 43 14.82 16.45 -15.84
C ASP K 43 13.69 17.41 -16.22
N SER K 44 13.64 18.57 -15.59
CA SER K 44 12.77 19.63 -16.02
C SER K 44 12.84 19.98 -17.50
N LEU K 45 14.05 20.11 -18.05
CA LEU K 45 14.19 20.55 -19.42
C LEU K 45 13.71 19.47 -20.36
N LEU K 46 13.83 18.23 -19.96
CA LEU K 46 13.39 17.15 -20.78
C LEU K 46 11.89 16.93 -20.80
N ASN K 47 11.12 17.63 -19.95
CA ASN K 47 9.62 17.63 -20.07
C ASN K 47 9.01 18.99 -20.07
N GLY K 48 9.88 19.96 -19.92
CA GLY K 48 9.60 21.36 -20.07
C GLY K 48 8.23 21.66 -19.59
N ASP K 49 8.11 22.22 -18.39
CA ASP K 49 9.18 22.49 -17.47
C ASP K 49 8.71 21.87 -16.17
N LEU L 3 10.54 38.51 -3.36
CA LEU L 3 10.77 37.04 -3.60
C LEU L 3 9.59 36.27 -3.02
N ASP L 4 9.38 34.99 -3.34
CA ASP L 4 9.63 34.32 -4.62
C ASP L 4 10.14 32.87 -4.40
N PRO L 5 9.34 31.83 -4.75
CA PRO L 5 9.53 30.51 -4.15
C PRO L 5 10.89 29.94 -4.41
N GLU L 6 11.42 30.11 -5.62
CA GLU L 6 12.72 29.57 -5.98
C GLU L 6 13.82 30.17 -5.13
N GLU L 7 13.68 31.47 -4.84
CA GLU L 7 14.64 32.17 -4.01
C GLU L 7 14.43 31.82 -2.57
N ARG L 8 13.18 31.77 -2.15
CA ARG L 8 12.87 31.49 -0.75
C ARG L 8 13.27 30.07 -0.29
N TYR L 9 12.92 29.07 -1.07
CA TYR L 9 13.22 27.69 -0.72
C TYR L 9 14.46 27.11 -1.44
N GLU L 10 15.37 27.98 -1.87
CA GLU L 10 16.55 27.56 -2.60
C GLU L 10 17.22 26.38 -1.95
N HIS L 11 17.76 26.57 -0.75
CA HIS L 11 18.47 25.49 -0.08
C HIS L 11 17.66 24.19 0.08
N GLN L 12 16.35 24.29 0.32
CA GLN L 12 15.52 23.10 0.42
C GLN L 12 15.27 22.46 -0.96
N LEU L 13 14.92 23.30 -1.91
CA LEU L 13 14.68 22.82 -3.24
C LEU L 13 15.88 22.00 -3.71
N ARG L 14 17.08 22.47 -3.36
CA ARG L 14 18.28 21.79 -3.77
C ARG L 14 18.38 20.42 -3.14
N GLN L 15 18.10 20.33 -1.84
CA GLN L 15 18.15 19.01 -1.19
C GLN L 15 17.16 18.01 -1.75
N LEU L 16 15.95 18.48 -2.07
CA LEU L 16 14.90 17.62 -2.60
C LEU L 16 15.29 17.10 -3.97
N ASN L 17 15.73 18.04 -4.81
CA ASN L 17 16.26 17.70 -6.11
C ASN L 17 17.45 16.72 -6.02
N ASP L 18 18.30 16.87 -5.01
CA ASP L 18 19.44 15.98 -4.86
C ASP L 18 18.99 14.62 -4.36
N MET L 19 17.72 14.52 -3.95
CA MET L 19 17.16 13.25 -3.52
C MET L 19 16.30 12.64 -4.62
N GLY L 20 16.15 13.32 -5.75
CA GLY L 20 15.43 12.73 -6.86
C GLY L 20 14.04 13.31 -7.00
N PHE L 21 13.70 14.26 -6.12
CA PHE L 21 12.40 14.87 -6.19
C PHE L 21 12.43 16.07 -7.09
N PHE L 22 12.31 15.82 -8.39
CA PHE L 22 12.41 16.87 -9.38
C PHE L 22 11.16 17.73 -9.64
N ASP L 23 9.99 17.39 -9.12
CA ASP L 23 8.78 18.14 -9.47
C ASP L 23 8.64 19.43 -8.66
N PHE L 24 8.89 20.57 -9.29
CA PHE L 24 8.91 21.88 -8.62
C PHE L 24 7.60 22.20 -7.90
N ASP L 25 6.50 22.18 -8.65
CA ASP L 25 5.21 22.49 -8.08
C ASP L 25 4.88 21.64 -6.89
N ARG L 26 5.08 20.33 -7.01
CA ARG L 26 4.97 19.43 -5.86
C ARG L 26 5.87 19.84 -4.68
N ASN L 27 7.14 20.14 -4.94
CA ASN L 27 8.09 20.47 -3.89
C ASN L 27 7.66 21.74 -3.19
N VAL L 28 7.31 22.77 -3.94
CA VAL L 28 6.92 24.01 -3.30
C VAL L 28 5.67 23.79 -2.46
N ALA L 29 4.68 23.10 -3.05
CA ALA L 29 3.49 22.68 -2.33
C ALA L 29 3.83 22.02 -0.98
N ALA L 30 4.71 21.02 -1.04
CA ALA L 30 5.09 20.25 0.12
C ALA L 30 5.80 21.11 1.14
N LEU L 31 6.67 22.00 0.65
CA LEU L 31 7.48 22.85 1.51
C LEU L 31 6.67 23.93 2.18
N ARG L 32 5.70 24.50 1.47
CA ARG L 32 4.83 25.51 2.06
C ARG L 32 4.10 24.93 3.27
N ARG L 33 3.70 23.68 3.11
CA ARG L 33 2.94 22.99 4.12
C ARG L 33 3.79 22.64 5.30
N SER L 34 5.04 22.31 5.05
CA SER L 34 5.90 21.96 6.17
C SER L 34 6.64 23.19 6.70
N GLY L 35 6.29 24.36 6.19
CA GLY L 35 6.85 25.62 6.66
C GLY L 35 8.31 25.81 6.27
N GLY L 36 8.73 25.10 5.25
CA GLY L 36 10.12 25.12 4.90
C GLY L 36 10.89 23.90 5.30
N SER L 37 10.37 23.05 6.16
CA SER L 37 11.13 21.88 6.65
C SER L 37 11.38 20.80 5.57
N VAL L 38 12.64 20.56 5.21
CA VAL L 38 12.89 19.49 4.23
C VAL L 38 12.32 18.16 4.79
N GLN L 39 12.64 17.92 6.06
CA GLN L 39 12.31 16.66 6.71
C GLN L 39 10.81 16.38 6.53
N GLY L 40 10.00 17.43 6.72
CA GLY L 40 8.57 17.33 6.60
C GLY L 40 8.12 17.19 5.15
N ALA L 41 8.62 18.05 4.29
CA ALA L 41 8.21 17.97 2.89
C ALA L 41 8.49 16.58 2.30
N LEU L 42 9.66 16.03 2.62
CA LEU L 42 9.99 14.65 2.26
C LEU L 42 8.88 13.68 2.60
N ASP L 43 8.46 13.72 3.86
CA ASP L 43 7.42 12.84 4.32
C ASP L 43 6.14 13.04 3.51
N SER L 44 5.77 14.30 3.30
CA SER L 44 4.66 14.67 2.42
C SER L 44 4.77 14.09 1.05
N LEU L 45 5.94 14.27 0.44
CA LEU L 45 6.18 13.82 -0.94
C LEU L 45 6.12 12.34 -1.05
N LEU L 46 6.48 11.63 0.01
CA LEU L 46 6.42 10.17 -0.03
C LEU L 46 5.03 9.56 0.22
N ASN L 47 4.00 10.37 0.52
CA ASN L 47 2.61 9.84 0.49
C ASN L 47 1.60 10.55 -0.41
N GLY L 48 2.10 11.26 -1.42
CA GLY L 48 1.41 11.42 -2.72
C GLY L 48 -0.10 11.66 -2.78
N ASP M 4 -3.41 33.71 6.46
CA ASP M 4 -3.29 32.38 5.80
C ASP M 4 -2.31 31.47 6.55
N PRO M 5 -2.77 30.29 7.04
CA PRO M 5 -2.06 29.60 8.12
C PRO M 5 -0.60 29.27 7.81
N GLU M 6 -0.35 28.76 6.59
CA GLU M 6 0.98 28.36 6.15
C GLU M 6 1.92 29.54 6.18
N GLU M 7 1.41 30.70 5.81
CA GLU M 7 2.20 31.93 5.81
C GLU M 7 2.36 32.45 7.22
N ARG M 8 1.27 32.40 7.96
CA ARG M 8 1.25 32.95 9.32
C ARG M 8 2.12 32.19 10.29
N TYR M 9 2.05 30.87 10.24
CA TYR M 9 2.80 30.02 11.17
C TYR M 9 4.03 29.37 10.55
N GLU M 10 4.59 30.01 9.53
CA GLU M 10 5.72 29.42 8.77
C GLU M 10 6.86 28.95 9.67
N HIS M 11 7.44 29.88 10.43
CA HIS M 11 8.61 29.47 11.18
C HIS M 11 8.26 28.41 12.20
N GLN M 12 7.04 28.46 12.78
CA GLN M 12 6.59 27.44 13.78
C GLN M 12 6.34 26.09 13.13
N LEU M 13 5.59 26.09 12.05
CA LEU M 13 5.38 24.89 11.29
C LEU M 13 6.69 24.20 10.95
N ARG M 14 7.70 24.99 10.59
CA ARG M 14 9.00 24.43 10.25
C ARG M 14 9.60 23.67 11.41
N GLN M 15 9.62 24.32 12.58
CA GLN M 15 10.10 23.73 13.83
C GLN M 15 9.41 22.42 14.17
N LEU M 16 8.07 22.42 14.16
CA LEU M 16 7.29 21.23 14.44
C LEU M 16 7.66 20.10 13.48
N ASN M 17 7.68 20.42 12.18
CA ASN M 17 8.05 19.47 11.16
C ASN M 17 9.46 18.93 11.34
N ASP M 18 10.38 19.72 11.83
CA ASP M 18 11.74 19.19 11.98
C ASP M 18 11.73 18.25 13.17
N MET M 19 10.78 18.48 14.07
CA MET M 19 10.63 17.62 15.24
C MET M 19 9.79 16.41 14.97
N GLY M 20 9.44 16.21 13.71
CA GLY M 20 8.76 14.99 13.30
C GLY M 20 7.24 15.09 13.32
N PHE M 21 6.72 16.27 13.70
CA PHE M 21 5.27 16.52 13.68
C PHE M 21 4.77 16.95 12.30
N PHE M 22 4.51 15.96 11.46
CA PHE M 22 4.17 16.19 10.04
C PHE M 22 2.70 16.52 9.73
N ASP M 23 1.80 16.36 10.70
CA ASP M 23 0.37 16.54 10.40
C ASP M 23 -0.02 18.01 10.46
N PHE M 24 -0.30 18.56 9.28
CA PHE M 24 -0.56 20.00 9.13
C PHE M 24 -1.77 20.48 9.91
N ASP M 25 -2.89 19.85 9.65
CA ASP M 25 -4.09 20.14 10.39
C ASP M 25 -3.92 20.10 11.90
N ARG M 26 -3.31 19.05 12.42
CA ARG M 26 -3.00 18.99 13.86
C ARG M 26 -2.15 20.17 14.27
N ASN M 27 -1.09 20.46 13.51
CA ASN M 27 -0.14 21.51 13.86
C ASN M 27 -0.81 22.85 13.92
N VAL M 28 -1.62 23.18 12.92
CA VAL M 28 -2.25 24.48 12.92
C VAL M 28 -3.22 24.56 14.09
N ALA M 29 -3.97 23.48 14.31
CA ALA M 29 -4.90 23.39 15.43
C ALA M 29 -4.18 23.67 16.74
N ALA M 30 -3.06 22.99 16.94
CA ALA M 30 -2.29 23.12 18.15
C ALA M 30 -1.71 24.50 18.29
N LEU M 31 -1.30 25.08 17.19
CA LEU M 31 -0.70 26.42 17.21
C LEU M 31 -1.70 27.56 17.45
N ARG M 32 -2.90 27.44 16.87
CA ARG M 32 -3.92 28.45 17.04
C ARG M 32 -4.23 28.56 18.51
N ARG M 33 -4.30 27.39 19.15
CA ARG M 33 -4.60 27.22 20.55
C ARG M 33 -3.53 27.78 21.47
N SER M 34 -2.27 27.63 21.06
CA SER M 34 -1.17 28.16 21.84
C SER M 34 -0.80 29.58 21.46
N GLY M 35 -1.59 30.17 20.58
CA GLY M 35 -1.37 31.54 20.16
C GLY M 35 -0.12 31.74 19.32
N GLY M 36 0.34 30.67 18.68
CA GLY M 36 1.59 30.77 17.98
C GLY M 36 2.80 30.18 18.68
N SER M 37 2.74 30.00 19.99
CA SER M 37 3.85 29.37 20.75
C SER M 37 4.20 27.91 20.37
N VAL M 38 5.41 27.69 19.87
CA VAL M 38 5.87 26.34 19.52
C VAL M 38 5.92 25.51 20.79
N GLN M 39 6.54 26.12 21.81
CA GLN M 39 6.65 25.48 23.08
C GLN M 39 5.30 24.90 23.55
N GLY M 40 4.22 25.71 23.49
CA GLY M 40 2.89 25.26 23.83
C GLY M 40 2.32 24.23 22.88
N ALA M 41 2.41 24.46 21.59
CA ALA M 41 1.85 23.50 20.62
C ALA M 41 2.44 22.12 20.77
N LEU M 42 3.74 22.09 21.05
CA LEU M 42 4.46 20.86 21.35
C LEU M 42 3.75 20.06 22.42
N ASP M 43 3.56 20.71 23.56
CA ASP M 43 2.96 20.07 24.70
C ASP M 43 1.55 19.50 24.38
N SER M 44 0.71 20.33 23.75
CA SER M 44 -0.55 19.94 23.18
C SER M 44 -0.45 18.73 22.26
N LEU M 45 0.55 18.71 21.36
CA LEU M 45 0.67 17.65 20.40
C LEU M 45 1.08 16.36 21.03
N LEU M 46 1.78 16.46 22.15
CA LEU M 46 2.18 15.26 22.89
C LEU M 46 1.13 14.67 23.87
N ASN M 47 -0.06 15.29 23.98
CA ASN M 47 -1.24 14.62 24.59
C ASN M 47 -2.60 14.81 23.89
N GLY M 48 -2.72 15.83 23.05
CA GLY M 48 -4.00 16.18 22.40
C GLY M 48 -4.93 16.88 23.36
N LEU N 3 -30.38 14.49 74.41
CA LEU N 3 -29.75 15.81 74.05
C LEU N 3 -29.28 16.49 75.35
N ASP N 4 -28.69 15.69 76.26
CA ASP N 4 -28.48 16.15 77.62
C ASP N 4 -28.44 14.95 78.63
N PRO N 5 -27.31 14.77 79.38
CA PRO N 5 -27.01 13.45 79.93
C PRO N 5 -28.12 12.91 80.85
N GLU N 6 -28.65 13.78 81.72
CA GLU N 6 -29.65 13.41 82.70
C GLU N 6 -30.90 12.89 82.02
N GLU N 7 -31.26 13.53 80.91
CA GLU N 7 -32.42 13.13 80.11
C GLU N 7 -32.08 11.87 79.32
N ARG N 8 -30.89 11.83 78.73
CA ARG N 8 -30.50 10.73 77.89
C ARG N 8 -30.32 9.43 78.66
N TYR N 9 -29.71 9.48 79.84
CA TYR N 9 -29.46 8.28 80.60
C TYR N 9 -30.39 8.11 81.79
N GLU N 10 -31.56 8.71 81.70
CA GLU N 10 -32.50 8.72 82.83
C GLU N 10 -32.71 7.31 83.40
N HIS N 11 -33.30 6.41 82.60
CA HIS N 11 -33.54 5.02 82.99
C HIS N 11 -32.35 4.36 83.65
N GLN N 12 -31.17 4.59 83.10
CA GLN N 12 -29.94 3.97 83.62
C GLN N 12 -29.48 4.65 84.90
N LEU N 13 -29.42 5.98 84.89
CA LEU N 13 -29.07 6.76 86.09
C LEU N 13 -29.91 6.33 87.29
N ARG N 14 -31.18 6.10 87.04
CA ARG N 14 -32.04 5.64 88.10
C ARG N 14 -31.58 4.31 88.70
N GLN N 15 -31.32 3.32 87.84
CA GLN N 15 -30.91 2.01 88.29
C GLN N 15 -29.62 2.08 89.09
N LEU N 16 -28.65 2.84 88.57
CA LEU N 16 -27.38 2.98 89.26
C LEU N 16 -27.58 3.58 90.64
N ASN N 17 -28.37 4.66 90.67
CA ASN N 17 -28.72 5.30 91.93
C ASN N 17 -29.47 4.36 92.91
N ASP N 18 -30.43 3.57 92.41
CA ASP N 18 -31.09 2.56 93.23
C ASP N 18 -30.17 1.41 93.67
N MET N 19 -28.95 1.33 93.13
CA MET N 19 -27.96 0.36 93.58
C MET N 19 -26.88 1.01 94.43
N GLY N 20 -27.08 2.27 94.80
CA GLY N 20 -26.15 2.97 95.68
C GLY N 20 -25.06 3.79 94.99
N PHE N 21 -25.04 3.77 93.66
CA PHE N 21 -24.04 4.54 92.95
C PHE N 21 -24.53 5.96 92.71
N PHE N 22 -24.29 6.82 93.70
CA PHE N 22 -24.78 8.19 93.71
C PHE N 22 -23.95 9.24 92.97
N ASP N 23 -22.72 8.92 92.55
CA ASP N 23 -21.88 9.94 91.94
C ASP N 23 -22.23 10.12 90.46
N PHE N 24 -22.83 11.27 90.15
CA PHE N 24 -23.33 11.56 88.81
C PHE N 24 -22.23 11.50 87.77
N ASP N 25 -21.20 12.33 87.97
CA ASP N 25 -20.09 12.42 87.02
C ASP N 25 -19.50 11.04 86.73
N ARG N 26 -19.24 10.25 87.77
CA ARG N 26 -18.77 8.89 87.55
C ARG N 26 -19.75 8.07 86.76
N ASN N 27 -21.03 8.13 87.11
CA ASN N 27 -22.06 7.37 86.41
C ASN N 27 -22.13 7.72 84.90
N VAL N 28 -22.23 9.00 84.57
CA VAL N 28 -22.27 9.41 83.16
C VAL N 28 -21.01 8.92 82.45
N ALA N 29 -19.85 9.22 83.03
CA ALA N 29 -18.59 8.75 82.50
C ALA N 29 -18.69 7.26 82.19
N ALA N 30 -19.16 6.48 83.16
CA ALA N 30 -19.18 5.02 83.03
C ALA N 30 -20.13 4.62 81.92
N LEU N 31 -21.26 5.31 81.85
CA LEU N 31 -22.32 4.97 80.91
C LEU N 31 -21.94 5.32 79.46
N ARG N 32 -21.27 6.46 79.30
CA ARG N 32 -20.86 6.89 77.97
C ARG N 32 -19.96 5.83 77.39
N ARG N 33 -19.12 5.26 78.24
CA ARG N 33 -18.11 4.27 77.84
C ARG N 33 -18.74 2.94 77.50
N SER N 34 -19.83 2.63 78.20
CA SER N 34 -20.53 1.37 77.98
C SER N 34 -21.66 1.53 76.96
N GLY N 35 -21.75 2.73 76.38
CA GLY N 35 -22.76 3.02 75.36
C GLY N 35 -24.17 2.99 75.89
N GLY N 36 -24.36 3.31 77.17
CA GLY N 36 -25.68 3.25 77.75
C GLY N 36 -25.97 1.98 78.53
N SER N 37 -25.14 0.93 78.38
CA SER N 37 -25.39 -0.36 79.09
C SER N 37 -25.21 -0.27 80.62
N VAL N 38 -26.30 -0.45 81.38
CA VAL N 38 -26.18 -0.48 82.85
C VAL N 38 -25.21 -1.58 83.25
N GLN N 39 -25.48 -2.76 82.72
CA GLN N 39 -24.68 -3.92 82.99
C GLN N 39 -23.18 -3.57 82.92
N GLY N 40 -22.76 -3.02 81.77
CA GLY N 40 -21.38 -2.57 81.54
C GLY N 40 -20.89 -1.48 82.47
N ALA N 41 -21.67 -0.43 82.69
CA ALA N 41 -21.24 0.68 83.52
C ALA N 41 -20.98 0.18 84.94
N LEU N 42 -21.85 -0.71 85.40
CA LEU N 42 -21.72 -1.30 86.72
C LEU N 42 -20.33 -1.87 86.89
N ASP N 43 -19.97 -2.72 85.96
CA ASP N 43 -18.68 -3.36 85.99
C ASP N 43 -17.54 -2.33 86.10
N SER N 44 -17.58 -1.31 85.23
CA SER N 44 -16.67 -0.16 85.26
C SER N 44 -16.61 0.51 86.62
N LEU N 45 -17.78 0.75 87.21
CA LEU N 45 -17.84 1.47 88.46
C LEU N 45 -17.25 0.65 89.58
N LEU N 46 -17.30 -0.66 89.42
CA LEU N 46 -16.76 -1.52 90.46
C LEU N 46 -15.23 -1.73 90.36
N ASN N 47 -14.56 -1.16 89.35
CA ASN N 47 -13.07 -1.12 89.31
C ASN N 47 -12.36 0.17 88.83
N GLY N 48 -13.08 1.12 88.24
CA GLY N 48 -12.43 2.21 87.45
C GLY N 48 -11.32 3.02 88.14
N LEU O 3 -17.63 13.33 67.71
CA LEU O 3 -16.29 13.96 67.55
C LEU O 3 -15.30 13.35 68.55
N ASP O 4 -15.39 12.04 68.85
CA ASP O 4 -15.13 11.57 70.23
C ASP O 4 -15.60 10.10 70.43
N PRO O 5 -14.72 9.18 70.92
CA PRO O 5 -14.99 7.74 70.71
C PRO O 5 -16.36 7.24 71.23
N GLU O 6 -16.72 7.68 72.43
CA GLU O 6 -17.94 7.26 73.07
C GLU O 6 -19.13 7.69 72.24
N GLU O 7 -19.04 8.88 71.67
CA GLU O 7 -20.13 9.40 70.86
C GLU O 7 -20.13 8.70 69.50
N ARG O 8 -18.94 8.55 68.92
CA ARG O 8 -18.81 7.96 67.59
C ARG O 8 -19.22 6.49 67.55
N TYR O 9 -18.77 5.70 68.51
CA TYR O 9 -19.07 4.27 68.52
C TYR O 9 -20.19 3.89 69.47
N GLU O 10 -21.09 4.83 69.74
CA GLU O 10 -22.16 4.58 70.71
C GLU O 10 -22.94 3.29 70.43
N HIS O 11 -23.63 3.19 69.29
CA HIS O 11 -24.37 1.95 69.00
C HIS O 11 -23.53 0.68 69.08
N GLN O 12 -22.27 0.75 68.67
CA GLN O 12 -21.42 -0.43 68.71
C GLN O 12 -20.96 -0.76 70.12
N LEU O 13 -20.48 0.25 70.83
CA LEU O 13 -20.09 0.06 72.22
C LEU O 13 -21.22 -0.59 73.02
N ARG O 14 -22.46 -0.18 72.77
CA ARG O 14 -23.60 -0.73 73.45
C ARG O 14 -23.73 -2.22 73.18
N GLN O 15 -23.63 -2.62 71.91
CA GLN O 15 -23.78 -4.01 71.56
C GLN O 15 -22.71 -4.86 72.20
N LEU O 16 -21.49 -4.36 72.20
CA LEU O 16 -20.36 -5.08 72.78
C LEU O 16 -20.58 -5.28 74.27
N ASN O 17 -20.93 -4.18 74.94
CA ASN O 17 -21.24 -4.20 76.36
C ASN O 17 -22.40 -5.11 76.63
N ASP O 18 -23.35 -5.16 75.71
CA ASP O 18 -24.50 -6.04 75.87
C ASP O 18 -24.15 -7.51 75.65
N MET O 19 -22.95 -7.76 75.15
CA MET O 19 -22.46 -9.12 74.99
C MET O 19 -21.41 -9.46 76.04
N GLY O 20 -21.19 -8.57 77.01
CA GLY O 20 -20.28 -8.82 78.11
C GLY O 20 -18.88 -8.25 77.92
N PHE O 21 -18.64 -7.60 76.79
CA PHE O 21 -17.35 -6.98 76.55
C PHE O 21 -17.26 -5.59 77.16
N PHE O 22 -16.95 -5.58 78.45
CA PHE O 22 -16.95 -4.34 79.24
C PHE O 22 -15.73 -3.42 79.15
N ASP O 23 -14.64 -3.87 78.52
CA ASP O 23 -13.40 -3.11 78.55
C ASP O 23 -13.39 -2.08 77.43
N PHE O 24 -13.59 -0.82 77.81
CA PHE O 24 -13.75 0.30 76.89
C PHE O 24 -12.55 0.41 75.95
N ASP O 25 -11.34 0.52 76.52
CA ASP O 25 -10.12 0.70 75.73
C ASP O 25 -9.93 -0.41 74.72
N ARG O 26 -10.11 -1.66 75.15
CA ARG O 26 -10.12 -2.79 74.23
C ARG O 26 -11.18 -2.64 73.16
N ASN O 27 -12.40 -2.30 73.54
CA ASN O 27 -13.48 -2.15 72.57
C ASN O 27 -13.17 -1.08 71.50
N VAL O 28 -12.76 0.11 71.94
CA VAL O 28 -12.44 1.18 70.99
C VAL O 28 -11.31 0.73 70.07
N ALA O 29 -10.25 0.18 70.66
CA ALA O 29 -9.14 -0.36 69.90
C ALA O 29 -9.61 -1.33 68.82
N ALA O 30 -10.46 -2.28 69.22
CA ALA O 30 -10.98 -3.29 68.32
C ALA O 30 -11.85 -2.66 67.23
N LEU O 31 -12.70 -1.72 67.63
CA LEU O 31 -13.61 -1.04 66.69
C LEU O 31 -12.91 -0.14 65.64
N ARG O 32 -11.84 0.53 66.07
CA ARG O 32 -11.10 1.40 65.19
C ARG O 32 -10.52 0.55 64.09
N ARG O 33 -10.07 -0.65 64.48
CA ARG O 33 -9.41 -1.58 63.56
C ARG O 33 -10.38 -2.20 62.58
N SER O 34 -11.62 -2.38 63.02
CA SER O 34 -12.62 -2.98 62.16
C SER O 34 -13.43 -1.92 61.44
N GLY O 35 -13.04 -0.65 61.61
CA GLY O 35 -13.71 0.48 60.96
C GLY O 35 -15.12 0.73 61.46
N GLY O 36 -15.39 0.33 62.70
CA GLY O 36 -16.71 0.45 63.22
C GLY O 36 -17.53 -0.84 63.21
N SER O 37 -17.11 -1.85 62.46
CA SER O 37 -17.89 -3.10 62.36
C SER O 37 -17.97 -3.90 63.66
N VAL O 38 -19.16 -4.04 64.25
CA VAL O 38 -19.27 -4.83 65.48
C VAL O 38 -18.81 -6.24 65.18
N GLN O 39 -19.36 -6.77 64.09
CA GLN O 39 -19.07 -8.08 63.62
C GLN O 39 -17.57 -8.34 63.69
N GLY O 40 -16.79 -7.43 63.08
CA GLY O 40 -15.33 -7.51 63.05
C GLY O 40 -14.65 -7.34 64.41
N ALA O 41 -15.07 -6.35 65.20
CA ALA O 41 -14.46 -6.08 66.50
C ALA O 41 -14.65 -7.28 67.45
N LEU O 42 -15.85 -7.86 67.41
CA LEU O 42 -16.11 -9.12 68.10
C LEU O 42 -15.02 -10.17 67.88
N ASP O 43 -14.78 -10.48 66.61
CA ASP O 43 -13.83 -11.48 66.24
C ASP O 43 -12.44 -11.14 66.80
N SER O 44 -12.07 -9.86 66.73
CA SER O 44 -10.81 -9.34 67.28
C SER O 44 -10.73 -9.53 68.78
N LEU O 45 -11.84 -9.22 69.44
CA LEU O 45 -11.90 -9.34 70.90
C LEU O 45 -11.81 -10.77 71.37
N LEU O 46 -12.26 -11.71 70.54
CA LEU O 46 -12.18 -13.11 70.89
C LEU O 46 -10.82 -13.77 70.61
N ASN O 47 -9.84 -13.04 70.08
CA ASN O 47 -8.43 -13.55 70.03
C ASN O 47 -7.29 -12.54 70.16
N GLY O 48 -7.53 -11.30 69.68
CA GLY O 48 -6.45 -10.47 69.08
C GLY O 48 -5.25 -9.95 70.05
N ASP P 4 -2.21 7.56 60.24
CA ASP P 4 -2.59 6.47 61.21
C ASP P 4 -3.59 5.47 60.59
N PRO P 5 -3.20 4.18 60.45
CA PRO P 5 -3.88 3.30 59.46
C PRO P 5 -5.40 3.22 59.63
N GLU P 6 -5.82 3.03 60.88
CA GLU P 6 -7.23 2.88 61.21
C GLU P 6 -8.00 4.11 60.75
N GLU P 7 -7.40 5.29 60.93
CA GLU P 7 -8.05 6.54 60.56
C GLU P 7 -7.99 6.72 59.06
N ARG P 8 -6.85 6.39 58.47
CA ARG P 8 -6.63 6.58 57.05
C ARG P 8 -7.50 5.66 56.20
N TYR P 9 -7.57 4.39 56.55
CA TYR P 9 -8.33 3.43 55.76
C TYR P 9 -9.69 3.07 56.38
N GLU P 10 -10.26 4.00 57.16
CA GLU P 10 -11.53 3.76 57.84
C GLU P 10 -12.58 3.20 56.87
N HIS P 11 -13.01 4.02 55.91
CA HIS P 11 -14.02 3.65 54.90
C HIS P 11 -13.80 2.24 54.36
N GLN P 12 -12.55 1.96 53.98
CA GLN P 12 -12.16 0.67 53.38
C GLN P 12 -12.16 -0.47 54.39
N LEU P 13 -11.50 -0.27 55.53
CA LEU P 13 -11.50 -1.27 56.55
C LEU P 13 -12.93 -1.73 56.86
N ARG P 14 -13.87 -0.78 56.85
CA ARG P 14 -15.23 -1.11 57.19
C ARG P 14 -15.81 -2.05 56.16
N GLN P 15 -15.63 -1.70 54.88
CA GLN P 15 -16.15 -2.56 53.82
C GLN P 15 -15.61 -3.99 53.87
N LEU P 16 -14.29 -4.10 54.05
CA LEU P 16 -13.62 -5.40 54.16
C LEU P 16 -14.19 -6.20 55.34
N ASN P 17 -14.25 -5.56 56.50
CA ASN P 17 -14.81 -6.18 57.66
C ASN P 17 -16.24 -6.57 57.40
N ASP P 18 -16.96 -5.75 56.62
CA ASP P 18 -18.35 -6.05 56.34
C ASP P 18 -18.50 -7.10 55.22
N MET P 19 -17.37 -7.56 54.70
CA MET P 19 -17.36 -8.71 53.82
C MET P 19 -16.77 -9.95 54.49
N GLY P 20 -16.50 -9.86 55.80
CA GLY P 20 -15.94 -10.98 56.56
C GLY P 20 -14.42 -11.00 56.69
N PHE P 21 -13.75 -10.02 56.12
CA PHE P 21 -12.30 -9.94 56.24
C PHE P 21 -11.89 -9.22 57.52
N PHE P 22 -11.86 -9.98 58.61
CA PHE P 22 -11.57 -9.45 59.93
C PHE P 22 -10.10 -9.21 60.32
N ASP P 23 -9.15 -9.72 59.56
CA ASP P 23 -7.77 -9.62 60.00
C ASP P 23 -7.18 -8.26 59.65
N PHE P 24 -7.01 -7.43 60.70
CA PHE P 24 -6.54 -6.05 60.53
C PHE P 24 -5.21 -5.93 59.75
N ASP P 25 -4.17 -6.57 60.27
CA ASP P 25 -2.85 -6.54 59.68
C ASP P 25 -2.86 -6.95 58.23
N ARG P 26 -3.55 -8.06 57.92
CA ARG P 26 -3.73 -8.45 56.51
C ARG P 26 -4.41 -7.36 55.69
N ASN P 27 -5.50 -6.79 56.22
CA ASN P 27 -6.26 -5.77 55.51
C ASN P 27 -5.39 -4.56 55.25
N VAL P 28 -4.69 -4.04 56.27
CA VAL P 28 -3.85 -2.86 56.05
C VAL P 28 -2.77 -3.17 55.00
N ALA P 29 -2.12 -4.32 55.15
CA ALA P 29 -1.13 -4.78 54.19
C ALA P 29 -1.66 -4.77 52.76
N ALA P 30 -2.84 -5.36 52.58
CA ALA P 30 -3.47 -5.48 51.28
C ALA P 30 -3.81 -4.11 50.74
N LEU P 31 -4.30 -3.24 51.63
CA LEU P 31 -4.74 -1.90 51.25
C LEU P 31 -3.59 -0.97 50.85
N ARG P 32 -2.48 -1.07 51.58
CA ARG P 32 -1.32 -0.25 51.30
C ARG P 32 -0.83 -0.56 49.90
N ARG P 33 -0.90 -1.83 49.55
CA ARG P 33 -0.45 -2.35 48.27
C ARG P 33 -1.34 -1.93 47.14
N SER P 34 -2.63 -1.80 47.44
CA SER P 34 -3.59 -1.40 46.40
C SER P 34 -3.83 0.11 46.40
N GLY P 35 -3.07 0.82 47.23
CA GLY P 35 -3.16 2.26 47.28
C GLY P 35 -4.47 2.76 47.87
N GLY P 36 -5.11 1.92 48.68
CA GLY P 36 -6.38 2.29 49.22
C GLY P 36 -7.57 1.67 48.51
N SER P 37 -7.37 1.08 47.33
CA SER P 37 -8.49 0.48 46.58
C SER P 37 -9.10 -0.76 47.22
N VAL P 38 -10.37 -0.68 47.60
CA VAL P 38 -11.01 -1.85 48.20
C VAL P 38 -10.99 -2.97 47.17
N GLN P 39 -11.47 -2.62 45.98
CA GLN P 39 -11.53 -3.54 44.87
C GLN P 39 -10.25 -4.35 44.76
N GLY P 40 -9.10 -3.66 44.80
CA GLY P 40 -7.79 -4.30 44.70
C GLY P 40 -7.39 -5.12 45.90
N ALA P 41 -7.59 -4.59 47.10
CA ALA P 41 -7.22 -5.29 48.32
C ALA P 41 -7.99 -6.61 48.43
N LEU P 42 -9.27 -6.58 48.04
CA LEU P 42 -10.11 -7.77 47.98
C LEU P 42 -9.41 -8.88 47.22
N ASP P 43 -9.02 -8.55 46.00
CA ASP P 43 -8.39 -9.49 45.11
C ASP P 43 -7.12 -10.08 45.72
N SER P 44 -6.29 -9.20 46.27
CA SER P 44 -5.11 -9.58 47.07
C SER P 44 -5.44 -10.55 48.20
N LEU P 45 -6.48 -10.21 48.97
CA LEU P 45 -6.87 -11.01 50.12
C LEU P 45 -7.38 -12.38 49.73
N LEU P 46 -7.96 -12.47 48.54
CA LEU P 46 -8.45 -13.75 48.06
C LEU P 46 -7.38 -14.69 47.47
N ASN P 47 -6.12 -14.25 47.39
CA ASN P 47 -4.99 -15.16 47.04
C ASN P 47 -3.75 -15.04 47.92
N ILE Q 2 14.63 7.07 49.71
CA ILE Q 2 14.20 5.64 49.72
C ILE Q 2 13.65 5.10 51.11
N LEU Q 3 12.34 5.30 51.30
CA LEU Q 3 11.37 4.36 51.89
C LEU Q 3 10.97 3.73 50.52
N ASP Q 4 9.71 3.51 50.21
CA ASP Q 4 8.91 2.37 50.60
C ASP Q 4 7.78 2.34 49.53
N PRO Q 5 7.75 1.31 48.67
CA PRO Q 5 7.05 1.46 47.38
C PRO Q 5 5.57 1.83 47.55
N GLU Q 6 4.89 1.17 48.51
CA GLU Q 6 3.48 1.43 48.78
C GLU Q 6 3.24 2.88 49.14
N GLU Q 7 4.14 3.44 49.96
CA GLU Q 7 4.05 4.85 50.32
C GLU Q 7 4.42 5.75 49.17
N ARG Q 8 5.47 5.36 48.45
CA ARG Q 8 6.00 6.20 47.40
C ARG Q 8 5.06 6.31 46.23
N TYR Q 9 4.50 5.18 45.78
CA TYR Q 9 3.62 5.15 44.60
C TYR Q 9 2.14 5.08 44.96
N GLU Q 10 1.79 5.54 46.16
CA GLU Q 10 0.40 5.50 46.65
C GLU Q 10 -0.59 5.97 45.58
N HIS Q 11 -0.57 7.27 45.26
CA HIS Q 11 -1.55 7.83 44.31
C HIS Q 11 -1.58 7.06 43.00
N GLN Q 12 -0.43 6.58 42.52
CA GLN Q 12 -0.39 5.80 41.25
C GLN Q 12 -0.96 4.39 41.42
N LEU Q 13 -0.52 3.71 42.48
CA LEU Q 13 -1.01 2.39 42.77
C LEU Q 13 -2.54 2.41 42.82
N ARG Q 14 -3.09 3.48 43.39
CA ARG Q 14 -4.52 3.57 43.50
C ARG Q 14 -5.17 3.63 42.13
N GLN Q 15 -4.65 4.47 41.25
CA GLN Q 15 -5.21 4.61 39.89
C GLN Q 15 -5.17 3.31 39.14
N LEU Q 16 -4.06 2.59 39.28
CA LEU Q 16 -3.87 1.34 38.58
C LEU Q 16 -4.88 0.32 39.07
N ASN Q 17 -4.99 0.22 40.40
CA ASN Q 17 -5.98 -0.62 41.05
C ASN Q 17 -7.43 -0.22 40.68
N ASP Q 18 -7.66 1.05 40.54
CA ASP Q 18 -8.95 1.53 40.05
C ASP Q 18 -9.22 1.19 38.61
N MET Q 19 -8.18 0.84 37.86
CA MET Q 19 -8.36 0.44 36.48
C MET Q 19 -8.35 -1.08 36.33
N GLY Q 20 -8.31 -1.80 37.44
CA GLY Q 20 -8.34 -3.27 37.41
C GLY Q 20 -6.97 -3.92 37.42
N PHE Q 21 -5.90 -3.14 37.52
CA PHE Q 21 -4.56 -3.71 37.59
C PHE Q 21 -4.14 -4.00 39.01
N PHE Q 22 -4.55 -5.19 39.50
CA PHE Q 22 -4.41 -5.59 40.90
C PHE Q 22 -3.06 -6.19 41.33
N ASP Q 23 -2.20 -6.54 40.37
CA ASP Q 23 -0.95 -7.18 40.73
C ASP Q 23 0.09 -6.16 41.19
N PHE Q 24 0.34 -6.16 42.50
CA PHE Q 24 1.27 -5.20 43.12
C PHE Q 24 2.67 -5.23 42.47
N ASP Q 25 3.32 -6.40 42.54
CA ASP Q 25 4.66 -6.57 41.98
C ASP Q 25 4.79 -6.08 40.54
N ARG Q 26 3.85 -6.48 39.69
CA ARG Q 26 3.80 -5.95 38.33
C ARG Q 26 3.71 -4.42 38.28
N ASN Q 27 2.82 -3.86 39.09
CA ASN Q 27 2.56 -2.42 39.12
C ASN Q 27 3.80 -1.65 39.55
N VAL Q 28 4.42 -2.06 40.65
CA VAL Q 28 5.63 -1.37 41.10
C VAL Q 28 6.69 -1.47 40.00
N ALA Q 29 6.87 -2.69 39.48
CA ALA Q 29 7.82 -2.93 38.39
C ALA Q 29 7.60 -1.97 37.20
N ALA Q 30 6.33 -1.86 36.79
CA ALA Q 30 5.95 -1.00 35.70
C ALA Q 30 6.21 0.48 36.04
N LEU Q 31 5.89 0.85 37.28
CA LEU Q 31 6.01 2.23 37.74
C LEU Q 31 7.45 2.70 37.90
N ARG Q 32 8.31 1.80 38.36
CA ARG Q 32 9.72 2.13 38.57
C ARG Q 32 10.33 2.44 37.22
N ARG Q 33 9.91 1.68 36.23
CA ARG Q 33 10.41 1.86 34.86
C ARG Q 33 9.91 3.11 34.21
N SER Q 34 8.71 3.53 34.58
CA SER Q 34 8.14 4.73 33.97
C SER Q 34 8.45 5.97 34.82
N GLY Q 35 9.25 5.78 35.85
CA GLY Q 35 9.59 6.87 36.76
C GLY Q 35 8.43 7.36 37.61
N GLY Q 36 7.44 6.51 37.84
CA GLY Q 36 6.25 6.96 38.51
C GLY Q 36 5.08 7.31 37.62
N SER Q 37 5.29 7.49 36.31
CA SER Q 37 4.18 7.89 35.40
C SER Q 37 3.09 6.83 35.22
N VAL Q 38 1.86 7.15 35.67
CA VAL Q 38 0.74 6.20 35.51
C VAL Q 38 0.54 5.91 34.03
N GLN Q 39 0.50 7.00 33.25
CA GLN Q 39 0.34 6.93 31.81
C GLN Q 39 1.30 5.91 31.17
N GLY Q 40 2.58 5.99 31.55
CA GLY Q 40 3.61 5.06 31.09
C GLY Q 40 3.48 3.64 31.61
N ALA Q 41 3.22 3.48 32.90
CA ALA Q 41 3.11 2.14 33.49
C ALA Q 41 1.94 1.37 32.89
N LEU Q 42 0.87 2.09 32.63
CA LEU Q 42 -0.27 1.53 31.97
C LEU Q 42 0.15 0.85 30.67
N ASP Q 43 0.82 1.60 29.82
CA ASP Q 43 1.28 1.12 28.54
C ASP Q 43 2.13 -0.16 28.67
N SER Q 44 3.07 -0.11 29.61
CA SER Q 44 3.88 -1.26 30.02
C SER Q 44 3.05 -2.45 30.39
N LEU Q 45 2.04 -2.21 31.22
CA LEU Q 45 1.23 -3.30 31.74
C LEU Q 45 0.39 -3.93 30.67
N LEU Q 46 0.03 -3.15 29.65
CA LEU Q 46 -0.77 -3.67 28.56
C LEU Q 46 0.02 -4.45 27.49
N ASN Q 47 1.36 -4.52 27.61
CA ASN Q 47 2.15 -5.47 26.78
C ASN Q 47 3.21 -6.29 27.52
N GLY Q 48 3.22 -6.20 28.85
CA GLY Q 48 4.08 -7.04 29.69
C GLY Q 48 3.61 -8.50 29.74
N LEU R 3 22.99 4.99 41.10
CA LEU R 3 23.91 4.01 40.46
C LEU R 3 23.19 3.26 39.33
N ASP R 4 21.86 3.36 39.33
CA ASP R 4 20.92 2.44 38.68
C ASP R 4 19.89 3.28 37.92
N PRO R 5 19.71 3.03 36.60
CA PRO R 5 19.12 4.06 35.73
C PRO R 5 17.74 4.53 36.16
N GLU R 6 16.86 3.59 36.53
CA GLU R 6 15.49 3.87 36.97
C GLU R 6 15.47 4.81 38.14
N GLU R 7 16.37 4.56 39.08
CA GLU R 7 16.52 5.40 40.26
C GLU R 7 17.15 6.75 39.87
N ARG R 8 18.19 6.71 39.06
CA ARG R 8 18.92 7.91 38.76
C ARG R 8 18.15 8.90 37.92
N TYR R 9 17.46 8.43 36.90
CA TYR R 9 16.68 9.31 36.05
C TYR R 9 15.18 9.25 36.32
N GLU R 10 14.79 8.99 37.59
CA GLU R 10 13.36 8.87 37.96
C GLU R 10 12.55 10.09 37.52
N HIS R 11 12.89 11.28 38.03
CA HIS R 11 12.06 12.44 37.67
C HIS R 11 11.98 12.63 36.17
N GLN R 12 13.08 12.38 35.45
CA GLN R 12 13.12 12.60 33.99
C GLN R 12 12.34 11.53 33.24
N LEU R 13 12.58 10.27 33.58
CA LEU R 13 11.80 9.18 33.03
C LEU R 13 10.31 9.47 33.14
N ARG R 14 9.90 10.00 34.31
CA ARG R 14 8.50 10.30 34.50
C ARG R 14 8.00 11.31 33.48
N GLN R 15 8.70 12.44 33.38
CA GLN R 15 8.29 13.47 32.44
C GLN R 15 8.18 12.94 31.02
N LEU R 16 9.18 12.16 30.58
CA LEU R 16 9.18 11.59 29.24
C LEU R 16 7.98 10.69 29.03
N ASN R 17 7.77 9.78 29.97
CA ASN R 17 6.60 8.93 29.94
C ASN R 17 5.31 9.75 29.95
N ASP R 18 5.31 10.86 30.69
CA ASP R 18 4.18 11.80 30.69
C ASP R 18 3.91 12.38 29.31
N MET R 19 4.97 12.43 28.52
CA MET R 19 4.87 13.00 27.17
C MET R 19 4.70 11.94 26.11
N GLY R 20 4.43 10.71 26.53
CA GLY R 20 4.14 9.64 25.61
C GLY R 20 5.35 8.83 25.18
N PHE R 21 6.53 9.20 25.67
CA PHE R 21 7.75 8.49 25.36
C PHE R 21 7.98 7.27 26.25
N PHE R 22 7.34 6.17 25.86
CA PHE R 22 7.30 4.94 26.69
C PHE R 22 8.47 3.99 26.56
N ASP R 23 9.39 4.22 25.63
CA ASP R 23 10.45 3.25 25.44
C ASP R 23 11.62 3.56 26.39
N PHE R 24 11.82 2.65 27.35
CA PHE R 24 12.78 2.84 28.44
C PHE R 24 14.18 2.93 27.91
N ASP R 25 14.60 1.89 27.22
CA ASP R 25 15.93 1.85 26.65
C ASP R 25 16.24 3.11 25.88
N ARG R 26 15.37 3.52 24.96
CA ARG R 26 15.53 4.79 24.23
C ARG R 26 15.64 5.96 25.18
N ASN R 27 14.82 5.99 26.21
CA ASN R 27 14.81 7.14 27.09
C ASN R 27 16.12 7.19 27.81
N VAL R 28 16.59 6.06 28.33
CA VAL R 28 17.84 6.08 29.13
C VAL R 28 18.99 6.50 28.25
N ALA R 29 19.04 5.88 27.06
CA ALA R 29 20.00 6.24 26.02
C ALA R 29 20.00 7.72 25.80
N ALA R 30 18.82 8.29 25.61
CA ALA R 30 18.69 9.68 25.26
C ALA R 30 19.14 10.55 26.40
N LEU R 31 18.83 10.10 27.60
CA LEU R 31 19.10 10.85 28.79
C LEU R 31 20.58 10.84 29.18
N ARG R 32 21.24 9.71 28.94
CA ARG R 32 22.66 9.59 29.24
C ARG R 32 23.42 10.59 28.41
N ARG R 33 22.94 10.76 27.18
CA ARG R 33 23.57 11.60 26.19
C ARG R 33 23.33 13.06 26.51
N SER R 34 22.22 13.33 27.15
CA SER R 34 21.92 14.72 27.42
C SER R 34 22.37 15.08 28.82
N GLY R 35 23.04 14.15 29.48
CA GLY R 35 23.50 14.37 30.83
C GLY R 35 22.38 14.49 31.86
N GLY R 36 21.23 13.89 31.54
CA GLY R 36 20.08 13.98 32.42
C GLY R 36 19.09 15.08 32.08
N SER R 37 19.36 15.91 31.06
CA SER R 37 18.47 17.04 30.67
C SER R 37 17.25 16.56 29.90
N VAL R 38 16.05 16.75 30.48
CA VAL R 38 14.81 16.35 29.80
C VAL R 38 14.70 17.08 28.46
N GLN R 39 14.92 18.38 28.54
CA GLN R 39 14.91 19.25 27.39
C GLN R 39 15.69 18.64 26.24
N GLY R 40 16.94 18.27 26.52
CA GLY R 40 17.81 17.69 25.55
C GLY R 40 17.35 16.33 25.08
N ALA R 41 16.99 15.45 26.00
CA ALA R 41 16.60 14.09 25.61
C ALA R 41 15.35 14.09 24.70
N LEU R 42 14.43 15.00 24.99
CA LEU R 42 13.30 15.22 24.12
C LEU R 42 13.73 15.41 22.67
N ASP R 43 14.60 16.40 22.49
CA ASP R 43 15.00 16.77 21.18
C ASP R 43 15.63 15.60 20.47
N SER R 44 16.53 14.88 21.17
CA SER R 44 17.09 13.62 20.71
C SER R 44 16.06 12.57 20.34
N LEU R 45 15.03 12.42 21.15
CA LEU R 45 14.03 11.39 20.89
C LEU R 45 13.23 11.71 19.65
N LEU R 46 13.07 13.00 19.40
CA LEU R 46 12.30 13.46 18.29
C LEU R 46 13.04 13.44 16.97
N ASN R 47 14.33 13.06 16.94
CA ASN R 47 15.01 12.68 15.67
C ASN R 47 15.93 11.48 15.66
N GLY R 48 16.38 10.96 16.78
CA GLY R 48 17.52 10.04 16.75
C GLY R 48 18.83 10.78 16.83
N SER S 4 31.55 -5.87 -5.49
CA SER S 4 31.02 -5.18 -4.27
C SER S 4 30.79 -3.69 -4.52
N LEU S 5 29.80 -3.13 -3.83
CA LEU S 5 29.43 -1.70 -3.92
C LEU S 5 30.02 -0.87 -2.78
N ASN S 6 30.25 0.41 -3.04
CA ASN S 6 30.81 1.37 -2.09
C ASN S 6 30.05 2.71 -2.19
N ILE S 7 29.26 3.03 -1.17
CA ILE S 7 28.27 4.08 -1.29
C ILE S 7 28.51 5.25 -0.33
N HIS S 8 28.24 6.47 -0.78
CA HIS S 8 28.20 7.62 0.14
C HIS S 8 26.85 7.72 0.87
N ILE S 9 26.86 8.14 2.14
CA ILE S 9 25.66 8.36 2.95
C ILE S 9 25.62 9.83 3.33
N LYS S 10 24.45 10.45 3.32
CA LYS S 10 24.35 11.85 3.72
C LYS S 10 23.22 12.17 4.72
N SER S 11 23.54 13.02 5.71
CA SER S 11 22.58 13.67 6.59
C SER S 11 23.05 15.10 6.71
N GLY S 12 22.26 15.95 7.38
CA GLY S 12 22.67 17.35 7.70
C GLY S 12 23.79 17.89 6.83
N GLN S 13 24.98 18.00 7.39
CA GLN S 13 26.16 18.29 6.59
C GLN S 13 27.18 17.18 6.81
N ASP S 14 26.69 15.97 7.03
CA ASP S 14 27.54 14.80 7.30
C ASP S 14 27.69 13.84 6.12
N LYS S 15 28.80 13.12 6.11
CA LYS S 15 28.99 12.01 5.18
C LYS S 15 29.52 10.82 5.95
N TRP S 16 29.35 9.63 5.39
CA TRP S 16 29.94 8.41 5.88
C TRP S 16 30.01 7.48 4.69
N GLU S 17 31.10 6.71 4.53
CA GLU S 17 31.22 5.77 3.43
C GLU S 17 30.82 4.40 3.95
N VAL S 18 30.12 3.59 3.15
CA VAL S 18 29.97 2.17 3.57
C VAL S 18 30.15 1.11 2.44
N ASN S 19 30.66 -0.07 2.80
CA ASN S 19 30.73 -1.18 1.87
C ASN S 19 29.52 -2.09 1.90
N VAL S 20 29.02 -2.47 0.74
CA VAL S 20 27.88 -3.39 0.65
C VAL S 20 28.03 -4.28 -0.57
N ALA S 21 27.68 -5.55 -0.43
CA ALA S 21 27.56 -6.43 -1.60
C ALA S 21 26.25 -6.06 -2.35
N PRO S 22 26.29 -6.03 -3.70
CA PRO S 22 25.10 -5.63 -4.49
C PRO S 22 23.76 -6.24 -4.01
N GLU S 23 23.75 -7.53 -3.68
CA GLU S 23 22.52 -8.24 -3.26
C GLU S 23 22.33 -8.47 -1.73
N SER S 24 23.01 -7.65 -0.91
CA SER S 24 22.64 -7.49 0.49
C SER S 24 21.28 -6.80 0.54
N THR S 25 20.50 -7.10 1.58
CA THR S 25 19.18 -6.47 1.73
C THR S 25 19.37 -5.00 2.08
N VAL S 26 18.29 -4.25 2.12
CA VAL S 26 18.38 -2.87 2.57
C VAL S 26 18.54 -2.86 4.09
N LEU S 27 18.03 -3.89 4.76
CA LEU S 27 18.20 -4.02 6.20
C LEU S 27 19.66 -4.26 6.59
N GLN S 28 20.37 -5.07 5.79
CA GLN S 28 21.82 -5.27 5.93
C GLN S 28 22.53 -3.97 5.68
N PHE S 29 22.14 -3.30 4.62
CA PHE S 29 22.74 -2.04 4.28
C PHE S 29 22.55 -1.08 5.47
N LYS S 30 21.42 -1.18 6.17
CA LYS S 30 21.19 -0.27 7.29
C LYS S 30 22.13 -0.60 8.44
N GLU S 31 22.11 -1.84 8.91
CA GLU S 31 23.11 -2.33 9.85
C GLU S 31 24.51 -1.85 9.52
N ALA S 32 24.87 -1.95 8.25
CA ALA S 32 26.21 -1.62 7.78
C ALA S 32 26.54 -0.15 8.01
N ILE S 33 25.59 0.73 7.72
CA ILE S 33 25.72 2.13 8.10
C ILE S 33 25.92 2.23 9.61
N ASN S 34 24.93 1.73 10.34
CA ASN S 34 24.87 1.78 11.79
C ASN S 34 26.20 1.45 12.44
N LYS S 35 26.74 0.30 12.06
CA LYS S 35 28.03 -0.20 12.51
C LYS S 35 29.15 0.81 12.34
N ALA S 36 28.92 1.82 11.51
CA ALA S 36 29.93 2.82 11.26
C ALA S 36 29.42 4.27 11.34
N ASN S 37 28.38 4.55 12.13
CA ASN S 37 27.96 5.94 12.29
C ASN S 37 27.03 6.27 13.48
N GLY S 38 26.61 5.24 14.21
CA GLY S 38 25.76 5.42 15.38
C GLY S 38 24.29 5.13 15.12
N ILE S 39 23.63 6.06 14.43
CA ILE S 39 22.17 6.03 14.12
C ILE S 39 21.57 4.63 13.99
N PRO S 40 20.76 4.23 14.96
CA PRO S 40 20.26 2.87 14.99
C PRO S 40 19.40 2.54 13.79
N VAL S 41 19.49 1.29 13.34
CA VAL S 41 18.71 0.76 12.23
C VAL S 41 17.30 1.31 12.22
N ALA S 42 16.53 1.07 13.29
CA ALA S 42 15.10 1.40 13.29
C ALA S 42 14.74 2.90 13.18
N ASN S 43 15.76 3.73 13.01
CA ASN S 43 15.65 5.17 12.98
C ASN S 43 16.02 5.74 11.63
N GLN S 44 16.82 4.97 10.88
CA GLN S 44 17.33 5.28 9.53
C GLN S 44 16.32 5.18 8.42
N ARG S 45 15.86 6.29 7.89
CA ARG S 45 15.05 6.27 6.68
C ARG S 45 15.87 6.70 5.45
N LEU S 46 16.10 5.74 4.53
CA LEU S 46 17.05 5.88 3.38
C LEU S 46 16.39 6.29 2.05
N ILE S 47 16.82 7.41 1.51
CA ILE S 47 16.29 7.86 0.22
C ILE S 47 17.32 7.90 -0.93
N TYR S 48 17.05 7.11 -1.97
CA TYR S 48 17.77 7.22 -3.23
C TYR S 48 16.77 7.45 -4.33
N SER S 49 17.12 8.31 -5.27
CA SER S 49 16.34 8.47 -6.51
C SER S 49 14.84 8.64 -6.31
N GLY S 50 14.45 9.54 -5.43
CA GLY S 50 13.06 9.89 -5.22
C GLY S 50 12.26 8.82 -4.51
N LYS S 51 12.91 7.77 -4.02
CA LYS S 51 12.23 6.62 -3.40
C LYS S 51 12.72 6.39 -1.96
N ILE S 52 11.87 5.82 -1.12
CA ILE S 52 12.31 5.36 0.19
C ILE S 52 12.77 3.91 -0.02
N LEU S 53 14.01 3.59 0.36
CA LEU S 53 14.53 2.22 0.21
C LEU S 53 13.87 1.36 1.26
N LYS S 54 13.20 0.30 0.82
CA LYS S 54 12.46 -0.54 1.73
C LYS S 54 13.33 -1.67 2.22
N ASP S 55 13.04 -2.18 3.41
CA ASP S 55 13.94 -3.05 4.17
C ASP S 55 14.25 -4.40 3.53
N ASP S 56 13.23 -5.04 2.95
CA ASP S 56 13.38 -6.39 2.41
C ASP S 56 13.65 -6.43 0.90
N GLN S 57 14.35 -5.40 0.42
CA GLN S 57 14.70 -5.28 -0.99
C GLN S 57 16.21 -5.31 -1.16
N THR S 58 16.69 -5.86 -2.28
CA THR S 58 18.13 -5.87 -2.58
C THR S 58 18.65 -4.46 -2.93
N VAL S 59 19.81 -4.10 -2.40
CA VAL S 59 20.36 -2.76 -2.61
C VAL S 59 20.49 -2.45 -4.07
N GLU S 60 20.70 -3.51 -4.86
CA GLU S 60 20.93 -3.36 -6.29
C GLU S 60 19.62 -3.28 -7.03
N SER S 61 18.52 -3.64 -6.36
CA SER S 61 17.19 -3.48 -6.95
C SER S 61 16.93 -2.01 -7.26
N TYR S 62 17.57 -1.11 -6.51
CA TYR S 62 17.42 0.32 -6.70
C TYR S 62 18.40 0.91 -7.70
N HIS S 63 19.30 0.03 -8.15
CA HIS S 63 20.29 0.35 -9.19
C HIS S 63 21.37 1.31 -8.68
N ILE S 64 21.52 1.36 -7.35
CA ILE S 64 22.55 2.17 -6.70
C ILE S 64 23.90 1.81 -7.29
N GLN S 65 24.44 2.74 -8.06
CA GLN S 65 25.74 2.56 -8.64
C GLN S 65 26.80 2.82 -7.58
N ASP S 66 27.99 2.29 -7.82
CA ASP S 66 29.18 2.61 -7.06
C ASP S 66 29.43 4.13 -7.08
N GLY S 67 29.79 4.68 -5.94
CA GLY S 67 30.14 6.10 -5.85
C GLY S 67 29.00 7.09 -5.74
N HIS S 68 27.78 6.59 -5.67
CA HIS S 68 26.58 7.43 -5.52
C HIS S 68 26.24 7.68 -4.07
N SER S 69 25.53 8.78 -3.81
CA SER S 69 25.03 9.09 -2.47
C SER S 69 23.63 8.60 -2.30
N VAL S 70 23.41 7.91 -1.20
CA VAL S 70 22.09 7.56 -0.68
C VAL S 70 21.86 8.43 0.53
N HIS S 71 20.75 9.14 0.59
CA HIS S 71 20.54 10.01 1.74
C HIS S 71 19.90 9.33 2.95
N LEU S 72 20.24 9.84 4.14
CA LEU S 72 19.72 9.31 5.42
C LEU S 72 18.95 10.39 6.16
N VAL S 73 17.65 10.16 6.30
CA VAL S 73 16.82 11.00 7.15
C VAL S 73 16.48 10.23 8.41
N LYS S 74 16.98 10.71 9.56
CA LYS S 74 16.75 10.07 10.85
C LYS S 74 15.32 10.37 11.32
N SER S 75 14.64 9.35 11.86
CA SER S 75 13.21 9.45 12.12
C SER S 75 12.71 8.76 13.39
N GLN S 76 11.50 9.11 13.81
CA GLN S 76 10.76 8.51 14.94
C GLN S 76 10.35 9.43 16.13
N SER T 4 6.61 34.93 -33.07
CA SER T 4 5.72 33.91 -33.69
C SER T 4 6.41 32.53 -33.74
N LEU T 5 5.64 31.51 -33.38
CA LEU T 5 6.11 30.13 -33.31
C LEU T 5 5.81 29.37 -34.60
N ASN T 6 6.64 28.37 -34.88
CA ASN T 6 6.53 27.53 -36.06
C ASN T 6 6.74 26.06 -35.69
N ILE T 7 5.67 25.27 -35.73
CA ILE T 7 5.65 23.97 -35.08
C ILE T 7 5.45 22.83 -36.07
N HIS T 8 6.09 21.69 -35.81
CA HIS T 8 5.79 20.45 -36.55
C HIS T 8 4.58 19.74 -35.96
N ILE T 9 3.77 19.09 -36.81
CA ILE T 9 2.62 18.28 -36.40
C ILE T 9 2.85 16.85 -36.88
N LYS T 10 2.55 15.85 -36.05
CA LYS T 10 2.68 14.45 -36.50
C LYS T 10 1.46 13.52 -36.27
N SER T 11 1.14 12.70 -37.27
CA SER T 11 0.22 11.58 -37.15
C SER T 11 0.90 10.43 -37.87
N GLY T 12 0.29 9.24 -37.80
CA GLY T 12 0.73 8.07 -38.58
C GLY T 12 2.18 8.18 -39.02
N GLN T 13 2.41 8.33 -40.32
CA GLN T 13 3.73 8.69 -40.85
C GLN T 13 3.68 10.07 -41.56
N ASP T 14 2.79 10.94 -41.06
CA ASP T 14 2.57 12.29 -41.64
C ASP T 14 3.19 13.44 -40.87
N LYS T 15 3.49 14.52 -41.59
CA LYS T 15 3.88 15.78 -40.98
C LYS T 15 3.12 16.90 -41.65
N TRP T 16 3.02 18.03 -40.96
CA TRP T 16 2.48 19.25 -41.51
C TRP T 16 3.10 20.36 -40.68
N GLU T 17 3.48 21.47 -41.28
CA GLU T 17 4.03 22.60 -40.54
C GLU T 17 2.89 23.58 -40.26
N VAL T 18 2.88 24.25 -39.11
CA VAL T 18 1.94 25.38 -38.93
C VAL T 18 2.50 26.60 -38.19
N ASN T 19 2.04 27.80 -38.56
CA ASN T 19 2.41 29.02 -37.85
C ASN T 19 1.44 29.38 -36.72
N VAL T 20 1.98 29.81 -35.58
CA VAL T 20 1.14 30.22 -34.46
C VAL T 20 1.85 31.31 -33.67
N ALA T 21 1.09 32.32 -33.24
CA ALA T 21 1.60 33.30 -32.29
C ALA T 21 1.67 32.65 -30.90
N PRO T 22 2.75 32.90 -30.13
CA PRO T 22 2.94 32.22 -28.83
C PRO T 22 1.68 32.18 -27.94
N GLU T 23 0.91 33.27 -27.91
CA GLU T 23 -0.28 33.38 -27.05
C GLU T 23 -1.67 33.21 -27.74
N SER T 24 -1.67 32.57 -28.91
CA SER T 24 -2.90 32.01 -29.48
C SER T 24 -3.37 30.88 -28.57
N THR T 25 -4.67 30.69 -28.48
CA THR T 25 -5.20 29.58 -27.69
C THR T 25 -4.84 28.24 -28.35
N VAL T 26 -5.12 27.13 -27.68
CA VAL T 26 -4.92 25.83 -28.27
C VAL T 26 -6.01 25.58 -29.32
N LEU T 27 -7.18 26.17 -29.11
CA LEU T 27 -8.29 26.07 -30.05
C LEU T 27 -7.95 26.77 -31.36
N GLN T 28 -7.32 27.95 -31.29
CA GLN T 28 -6.74 28.63 -32.47
C GLN T 28 -5.72 27.73 -33.14
N PHE T 29 -4.80 27.22 -32.34
CA PHE T 29 -3.77 26.36 -32.83
C PHE T 29 -4.44 25.17 -33.58
N LYS T 30 -5.57 24.69 -33.07
CA LYS T 30 -6.24 23.57 -33.73
C LYS T 30 -6.79 24.00 -35.09
N GLU T 31 -7.60 25.05 -35.10
CA GLU T 31 -8.07 25.66 -36.34
C GLU T 31 -6.93 25.80 -37.35
N ALA T 32 -5.79 26.30 -36.86
CA ALA T 32 -4.64 26.59 -37.70
C ALA T 32 -4.11 25.32 -38.40
N ILE T 33 -4.00 24.22 -37.65
CA ILE T 33 -3.70 22.91 -38.26
C ILE T 33 -4.75 22.60 -39.32
N ASN T 34 -6.00 22.50 -38.87
CA ASN T 34 -7.15 22.19 -39.70
C ASN T 34 -7.14 22.86 -41.07
N LYS T 35 -7.00 24.18 -41.04
CA LYS T 35 -6.90 25.04 -42.21
C LYS T 35 -5.83 24.56 -43.18
N ALA T 36 -4.92 23.73 -42.69
CA ALA T 36 -3.85 23.24 -43.54
C ALA T 36 -3.61 21.72 -43.47
N ASN T 37 -4.64 20.92 -43.19
CA ASN T 37 -4.47 19.46 -43.20
C ASN T 37 -5.73 18.58 -43.25
N GLY T 38 -6.90 19.21 -43.18
CA GLY T 38 -8.16 18.46 -43.24
C GLY T 38 -8.78 18.25 -41.88
N ILE T 39 -8.25 17.27 -41.13
CA ILE T 39 -8.74 16.88 -39.78
C ILE T 39 -9.46 17.98 -38.98
N PRO T 40 -10.78 17.85 -38.81
CA PRO T 40 -11.56 18.89 -38.17
C PRO T 40 -11.17 19.12 -36.73
N VAL T 41 -11.22 20.36 -36.29
CA VAL T 41 -10.93 20.76 -34.92
C VAL T 41 -11.43 19.73 -33.92
N ALA T 42 -12.74 19.50 -33.87
CA ALA T 42 -13.36 18.62 -32.83
C ALA T 42 -12.89 17.13 -32.80
N ASN T 43 -11.94 16.79 -33.68
CA ASN T 43 -11.38 15.45 -33.81
C ASN T 43 -9.92 15.36 -33.43
N GLN T 44 -9.25 16.52 -33.46
CA GLN T 44 -7.82 16.67 -33.14
C GLN T 44 -7.51 16.60 -31.65
N ARG T 45 -6.95 15.50 -31.19
CA ARG T 45 -6.39 15.45 -29.84
C ARG T 45 -4.83 15.65 -29.84
N LEU T 46 -4.37 16.78 -29.28
CA LEU T 46 -2.94 17.22 -29.37
C LEU T 46 -2.04 16.89 -28.16
N ILE T 47 -0.98 16.14 -28.39
CA ILE T 47 -0.10 15.75 -27.29
C ILE T 47 1.31 16.33 -27.44
N TYR T 48 1.74 17.12 -26.44
CA TYR T 48 3.14 17.55 -26.32
C TYR T 48 3.60 17.22 -24.92
N SER T 49 4.84 16.78 -24.80
CA SER T 49 5.47 16.53 -23.51
C SER T 49 4.59 15.82 -22.52
N GLY T 50 4.04 14.68 -22.91
CA GLY T 50 3.31 13.82 -22.02
C GLY T 50 1.95 14.32 -21.60
N LYS T 51 1.50 15.42 -22.19
CA LYS T 51 0.26 16.11 -21.78
C LYS T 51 -0.69 16.22 -22.96
N ILE T 52 -1.99 16.24 -22.66
CA ILE T 52 -2.97 16.57 -23.71
C ILE T 52 -3.12 18.09 -23.67
N LEU T 53 -2.93 18.77 -24.79
CA LEU T 53 -3.08 20.22 -24.81
C LEU T 53 -4.55 20.54 -24.77
N LYS T 54 -4.96 21.35 -23.81
CA LYS T 54 -6.35 21.63 -23.58
C LYS T 54 -6.73 22.91 -24.31
N ASP T 55 -7.99 23.02 -24.71
CA ASP T 55 -8.45 24.02 -25.68
C ASP T 55 -8.30 25.48 -25.28
N ASP T 56 -8.55 25.79 -24.02
CA ASP T 56 -8.58 27.18 -23.57
C ASP T 56 -7.29 27.62 -22.88
N GLN T 57 -6.18 27.05 -23.35
CA GLN T 57 -4.86 27.36 -22.80
C GLN T 57 -3.98 27.99 -23.87
N THR T 58 -3.07 28.88 -23.47
CA THR T 58 -2.10 29.45 -24.42
C THR T 58 -1.02 28.45 -24.88
N VAL T 59 -0.74 28.46 -26.18
CA VAL T 59 0.20 27.50 -26.78
C VAL T 59 1.52 27.55 -26.07
N GLU T 60 1.84 28.72 -25.54
CA GLU T 60 3.12 28.92 -24.93
C GLU T 60 3.10 28.48 -23.49
N SER T 61 1.90 28.26 -22.95
CA SER T 61 1.76 27.77 -21.57
C SER T 61 2.43 26.41 -21.45
N TYR T 62 2.51 25.70 -22.59
CA TYR T 62 3.10 24.36 -22.66
C TYR T 62 4.58 24.40 -23.01
N HIS T 63 5.05 25.63 -23.23
CA HIS T 63 6.47 25.93 -23.44
C HIS T 63 6.96 25.34 -24.76
N ILE T 64 6.02 25.08 -25.67
CA ILE T 64 6.32 24.60 -27.02
C ILE T 64 7.29 25.55 -27.69
N GLN T 65 8.51 25.06 -27.86
CA GLN T 65 9.55 25.85 -28.47
C GLN T 65 9.34 25.81 -29.99
N ASP T 66 9.94 26.78 -30.66
CA ASP T 66 10.07 26.79 -32.10
C ASP T 66 10.78 25.51 -32.60
N GLY T 67 10.27 24.92 -33.68
CA GLY T 67 10.90 23.74 -34.27
C GLY T 67 10.62 22.39 -33.62
N HIS T 68 9.76 22.38 -32.59
CA HIS T 68 9.38 21.15 -31.91
C HIS T 68 8.17 20.50 -32.56
N SER T 69 8.00 19.19 -32.33
CA SER T 69 6.85 18.44 -32.82
C SER T 69 5.82 18.35 -31.73
N VAL T 70 4.58 18.65 -32.07
CA VAL T 70 3.42 18.38 -31.25
C VAL T 70 2.68 17.26 -31.95
N HIS T 71 2.36 16.17 -31.27
CA HIS T 71 1.64 15.09 -31.94
C HIS T 71 0.12 15.24 -32.05
N LEU T 72 -0.45 14.66 -33.12
CA LEU T 72 -1.88 14.71 -33.38
C LEU T 72 -2.50 13.33 -33.42
N VAL T 73 -3.28 12.99 -32.40
CA VAL T 73 -4.08 11.77 -32.41
C VAL T 73 -5.52 12.13 -32.75
N LYS T 74 -6.02 11.62 -33.90
CA LYS T 74 -7.37 11.87 -34.36
C LYS T 74 -8.32 10.99 -33.57
N SER T 75 -9.48 11.53 -33.20
CA SER T 75 -10.35 10.84 -32.24
C SER T 75 -11.84 11.03 -32.48
N GLN T 76 -12.65 10.18 -31.82
CA GLN T 76 -14.13 10.21 -31.80
C GLN T 76 -14.88 8.97 -32.36
N LEU U 5 -27.32 2.25 28.64
CA LEU U 5 -26.23 2.43 29.66
C LEU U 5 -25.85 3.91 29.88
N ASN U 6 -25.40 4.20 31.10
CA ASN U 6 -25.00 5.54 31.49
C ASN U 6 -23.71 5.45 32.31
N ILE U 7 -22.62 5.93 31.71
CA ILE U 7 -21.28 5.62 32.21
C ILE U 7 -20.51 6.88 32.65
N HIS U 8 -19.72 6.75 33.72
CA HIS U 8 -18.76 7.79 34.13
C HIS U 8 -17.45 7.68 33.33
N ILE U 9 -16.86 8.83 32.98
CA ILE U 9 -15.57 8.87 32.29
C ILE U 9 -14.58 9.60 33.20
N LYS U 10 -13.33 9.11 33.26
CA LYS U 10 -12.29 9.78 34.07
C LYS U 10 -10.92 10.04 33.39
N SER U 11 -10.42 11.26 33.58
CA SER U 11 -9.05 11.66 33.26
C SER U 11 -8.53 12.43 34.44
N GLY U 12 -7.24 12.80 34.43
CA GLY U 12 -6.63 13.65 35.48
C GLY U 12 -7.43 13.74 36.78
N GLN U 13 -8.08 14.89 36.98
CA GLN U 13 -9.09 15.02 38.04
C GLN U 13 -10.46 15.38 37.46
N ASP U 14 -10.72 14.90 36.24
CA ASP U 14 -11.96 15.20 35.50
C ASP U 14 -12.98 14.05 35.48
N LYS U 15 -14.25 14.43 35.34
CA LYS U 15 -15.32 13.49 35.04
C LYS U 15 -16.18 14.03 33.92
N TRP U 16 -16.84 13.11 33.21
CA TRP U 16 -17.86 13.44 32.23
C TRP U 16 -18.82 12.26 32.19
N GLU U 17 -20.12 12.53 32.09
CA GLU U 17 -21.13 11.48 31.96
C GLU U 17 -21.46 11.27 30.47
N VAL U 18 -21.68 10.02 30.04
CA VAL U 18 -22.20 9.80 28.67
C VAL U 18 -23.25 8.68 28.57
N ASN U 19 -24.21 8.87 27.67
CA ASN U 19 -25.19 7.82 27.36
C ASN U 19 -24.74 6.91 26.23
N VAL U 20 -24.96 5.62 26.41
CA VAL U 20 -24.66 4.60 25.38
C VAL U 20 -25.67 3.47 25.42
N ALA U 21 -26.10 3.00 24.24
CA ALA U 21 -26.87 1.76 24.15
C ALA U 21 -25.90 0.60 24.37
N PRO U 22 -26.32 -0.43 25.15
CA PRO U 22 -25.43 -1.56 25.47
C PRO U 22 -24.61 -2.11 24.28
N GLU U 23 -25.22 -2.23 23.11
CA GLU U 23 -24.56 -2.81 21.92
C GLU U 23 -24.09 -1.79 20.86
N SER U 24 -23.86 -0.55 21.27
CA SER U 24 -23.04 0.40 20.50
C SER U 24 -21.60 -0.09 20.49
N THR U 25 -20.88 0.18 19.41
CA THR U 25 -19.46 -0.20 19.35
C THR U 25 -18.67 0.65 20.35
N VAL U 26 -17.39 0.33 20.54
CA VAL U 26 -16.52 1.17 21.38
C VAL U 26 -16.17 2.46 20.64
N LEU U 27 -16.14 2.38 19.31
CA LEU U 27 -15.92 3.54 18.45
C LEU U 27 -17.07 4.55 18.58
N GLN U 28 -18.31 4.05 18.62
CA GLN U 28 -19.51 4.88 18.91
C GLN U 28 -19.40 5.50 20.29
N PHE U 29 -19.06 4.65 21.26
CA PHE U 29 -18.86 5.09 22.62
C PHE U 29 -17.81 6.20 22.66
N LYS U 30 -16.77 6.07 21.84
CA LYS U 30 -15.72 7.11 21.75
C LYS U 30 -16.26 8.41 21.20
N GLU U 31 -16.87 8.37 20.02
CA GLU U 31 -17.59 9.51 19.45
C GLU U 31 -18.50 10.17 20.49
N ALA U 32 -19.23 9.35 21.24
CA ALA U 32 -20.20 9.82 22.23
C ALA U 32 -19.54 10.65 23.34
N ILE U 33 -18.41 10.18 23.86
CA ILE U 33 -17.56 10.98 24.77
C ILE U 33 -17.18 12.30 24.10
N ASN U 34 -16.47 12.19 22.97
CA ASN U 34 -15.97 13.32 22.16
C ASN U 34 -16.99 14.46 22.01
N LYS U 35 -18.19 14.09 21.57
CA LYS U 35 -19.32 15.00 21.38
C LYS U 35 -19.65 15.81 22.63
N ALA U 36 -19.15 15.35 23.78
CA ALA U 36 -19.43 16.01 25.03
C ALA U 36 -18.19 16.22 25.93
N ASN U 37 -16.99 16.36 25.35
CA ASN U 37 -15.79 16.65 26.15
C ASN U 37 -14.53 17.17 25.44
N GLY U 38 -14.56 17.21 24.11
CA GLY U 38 -13.42 17.73 23.32
C GLY U 38 -12.52 16.66 22.72
N ILE U 39 -11.70 16.02 23.57
CA ILE U 39 -10.74 14.98 23.18
C ILE U 39 -11.17 14.13 21.97
N PRO U 40 -10.47 14.30 20.84
CA PRO U 40 -10.85 13.61 19.60
C PRO U 40 -10.78 12.10 19.70
N VAL U 41 -11.71 11.42 19.02
CA VAL U 41 -11.77 9.97 18.95
C VAL U 41 -10.37 9.34 18.89
N ALA U 42 -9.57 9.70 17.87
CA ALA U 42 -8.27 9.05 17.60
C ALA U 42 -7.18 9.23 18.67
N ASN U 43 -7.54 9.95 19.74
CA ASN U 43 -6.67 10.26 20.89
C ASN U 43 -7.06 9.53 22.17
N GLN U 44 -8.32 9.10 22.23
CA GLN U 44 -8.93 8.44 23.40
C GLN U 44 -8.55 6.98 23.55
N ARG U 45 -7.75 6.67 24.56
CA ARG U 45 -7.50 5.28 24.91
C ARG U 45 -8.30 4.92 26.19
N LEU U 46 -9.31 4.06 26.04
CA LEU U 46 -10.29 3.73 27.12
C LEU U 46 -9.99 2.45 27.91
N ILE U 47 -9.88 2.60 29.23
CA ILE U 47 -9.56 1.46 30.09
C ILE U 47 -10.65 1.14 31.12
N TYR U 48 -11.18 -0.08 31.02
CA TYR U 48 -12.09 -0.64 32.01
C TYR U 48 -11.55 -2.01 32.42
N SER U 49 -11.63 -2.31 33.71
CA SER U 49 -11.30 -3.64 34.25
C SER U 49 -10.00 -4.25 33.71
N GLY U 50 -8.93 -3.48 33.75
CA GLY U 50 -7.60 -3.97 33.42
C GLY U 50 -7.38 -4.19 31.94
N LYS U 51 -8.34 -3.75 31.13
CA LYS U 51 -8.31 -3.98 29.68
C LYS U 51 -8.38 -2.67 28.90
N ILE U 52 -7.75 -2.62 27.73
CA ILE U 52 -7.96 -1.53 26.80
C ILE U 52 -9.20 -1.90 25.96
N LEU U 53 -10.20 -1.01 25.95
CA LEU U 53 -11.41 -1.23 25.18
C LEU U 53 -11.09 -1.02 23.72
N LYS U 54 -11.26 -2.08 22.93
CA LYS U 54 -10.93 -2.05 21.51
C LYS U 54 -12.11 -1.53 20.68
N ASP U 55 -11.81 -0.90 19.55
CA ASP U 55 -12.78 -0.10 18.76
C ASP U 55 -13.99 -0.85 18.17
N ASP U 56 -13.77 -2.05 17.66
CA ASP U 56 -14.81 -2.82 16.97
C ASP U 56 -15.51 -3.84 17.86
N GLN U 57 -15.60 -3.54 19.16
CA GLN U 57 -16.23 -4.42 20.14
C GLN U 57 -17.44 -3.72 20.75
N THR U 58 -18.44 -4.50 21.13
CA THR U 58 -19.63 -3.94 21.79
C THR U 58 -19.33 -3.51 23.22
N VAL U 59 -19.83 -2.34 23.62
CA VAL U 59 -19.62 -1.78 24.97
C VAL U 59 -20.00 -2.78 26.07
N GLU U 60 -21.00 -3.60 25.77
CA GLU U 60 -21.49 -4.58 26.71
C GLU U 60 -20.67 -5.86 26.71
N SER U 61 -19.84 -6.08 25.68
CA SER U 61 -18.92 -7.21 25.67
C SER U 61 -17.95 -7.14 26.86
N TYR U 62 -17.70 -5.92 27.35
CA TYR U 62 -16.82 -5.68 28.50
C TYR U 62 -17.56 -5.71 29.83
N HIS U 63 -18.88 -5.90 29.74
CA HIS U 63 -19.77 -6.06 30.90
C HIS U 63 -19.89 -4.77 31.73
N ILE U 64 -19.55 -3.64 31.10
CA ILE U 64 -19.68 -2.31 31.72
C ILE U 64 -21.10 -2.14 32.23
N GLN U 65 -21.22 -2.16 33.55
CA GLN U 65 -22.49 -1.97 34.19
C GLN U 65 -22.81 -0.49 34.19
N ASP U 66 -24.10 -0.19 34.35
CA ASP U 66 -24.59 1.16 34.58
C ASP U 66 -23.92 1.77 35.82
N GLY U 67 -23.51 3.04 35.71
CA GLY U 67 -22.97 3.77 36.85
C GLY U 67 -21.51 3.50 37.17
N HIS U 68 -20.84 2.72 36.32
CA HIS U 68 -19.41 2.40 36.46
C HIS U 68 -18.54 3.43 35.77
N SER U 69 -17.29 3.58 36.25
CA SER U 69 -16.29 4.45 35.63
C SER U 69 -15.44 3.69 34.62
N VAL U 70 -15.36 4.24 33.41
CA VAL U 70 -14.41 3.84 32.38
C VAL U 70 -13.38 4.95 32.34
N HIS U 71 -12.11 4.61 32.43
CA HIS U 71 -11.06 5.62 32.39
C HIS U 71 -10.60 6.00 30.98
N LEU U 72 -10.23 7.27 30.84
CA LEU U 72 -9.75 7.83 29.57
C LEU U 72 -8.30 8.35 29.70
N VAL U 73 -7.37 7.68 29.02
CA VAL U 73 -6.00 8.14 28.92
C VAL U 73 -5.81 8.72 27.51
N LYS U 74 -5.50 10.02 27.43
CA LYS U 74 -5.29 10.71 26.16
C LYS U 74 -3.90 10.40 25.60
N SER U 75 -3.81 10.12 24.30
CA SER U 75 -2.59 9.56 23.71
C SER U 75 -2.24 10.10 22.34
N GLN U 76 -0.98 9.85 21.95
CA GLN U 76 -0.41 10.12 20.60
C GLN U 76 0.76 11.14 20.52
#